data_5W1U
#
_entry.id   5W1U
#
_cell.length_a   125.070
_cell.length_b   125.070
_cell.length_c   168.811
_cell.angle_alpha   90.00
_cell.angle_beta   90.00
_cell.angle_gamma   120.00
#
_symmetry.space_group_name_H-M   'P 32 2 1'
#
loop_
_entity.id
_entity.type
_entity.pdbx_description
1 polymer 'Carboxylic ester hydrolase'
2 non-polymer '4-(2-HYDROXYETHYL)-1-PIPERAZINE ETHANESULFONIC ACID'
3 non-polymer 'MALONATE ION'
4 water water
#
_entity_poly.entity_id   1
_entity_poly.type   'polypeptide(L)'
_entity_poly.pdbx_seq_one_letter_code
;MSLESLTVQTKYGPVRGKRSVSLLGQEYVSFQGIPYARAPEGELRFKAPVPPQNWTETLDCSQQCEPCYHFDRRLQKIVG
CEDSLKINVFAKEINPSKPLPVMLYIYGGGFTEGTSGTELYGPDFLVQKDIVLVSFNYRIGALGFLCCQSEQDGVPGNAG
LKDQNLAIRWVLENIAAFGGDPKRVTLVGHSAGAASVQYHLISDASKDLFQRAIVMSGSTYNSWSLTRQRNWVEKLAKAI
GWDGQGGESGALRFLKAAKPEDIVANQEKLLTDQDMQDDIFTPFGPTVEPYLTEQCMIPKEPFEMARTAWGDKIDIMIGG
TSEEGLLLLQKIKLQPELLSHPHLFLGNVPPNLKISMEKRIEFAAKLKQRYYPDSSPSMENNLGYVHMMSDRVFWHGLHR
TILARAARSRARTFVYRICLDSEFYNHYRIMMIDPKLRGTAHADELSYLFSNFTQQVPGKETFEYRGLQTLVDVFTAFVI
NGDPNCGMTAKSGVVFEPNAQTKPTFKCLNIANDGVAFVDYPDADRLDMWDAMYVNDELF
;
_entity_poly.pdbx_strand_id   A,B
#
loop_
_chem_comp.id
_chem_comp.type
_chem_comp.name
_chem_comp.formula
EPE non-polymer '4-(2-HYDROXYETHYL)-1-PIPERAZINE ETHANESULFONIC ACID' 'C8 H18 N2 O4 S'
MLI non-polymer 'MALONATE ION' 'C3 H2 O4 -2'
#
# COMPACT_ATOMS: atom_id res chain seq x y z
N SER A 5 22.28 -26.04 -39.52
CA SER A 5 22.69 -26.24 -38.13
C SER A 5 22.61 -24.92 -37.40
N LEU A 6 21.95 -23.97 -38.05
CA LEU A 6 21.85 -22.60 -37.54
C LEU A 6 20.69 -21.87 -38.19
N THR A 7 19.69 -22.63 -38.66
CA THR A 7 18.46 -22.05 -39.19
C THR A 7 17.29 -22.33 -38.23
N VAL A 8 16.45 -21.31 -38.03
CA VAL A 8 15.35 -21.40 -37.10
C VAL A 8 14.08 -21.00 -37.79
N GLN A 9 12.99 -21.63 -37.40
CA GLN A 9 11.69 -21.31 -37.92
C GLN A 9 11.02 -20.35 -36.95
N THR A 10 10.77 -19.12 -37.40
CA THR A 10 9.90 -18.21 -36.66
C THR A 10 8.53 -18.27 -37.27
N LYS A 11 7.55 -17.68 -36.59
CA LYS A 11 6.17 -17.84 -36.99
C LYS A 11 5.89 -17.14 -38.34
N TYR A 12 6.81 -16.28 -38.76
CA TYR A 12 6.65 -15.52 -40.00
C TYR A 12 7.54 -15.98 -41.14
N GLY A 13 8.41 -16.96 -40.89
CA GLY A 13 9.34 -17.40 -41.92
C GLY A 13 10.59 -18.03 -41.31
N PRO A 14 11.52 -18.52 -42.16
CA PRO A 14 12.81 -19.05 -41.70
C PRO A 14 13.93 -18.00 -41.52
N VAL A 15 14.81 -18.31 -40.59
CA VAL A 15 15.77 -17.35 -40.06
C VAL A 15 17.07 -18.06 -39.72
N ARG A 16 18.17 -17.56 -40.27
CA ARG A 16 19.50 -18.12 -40.07
C ARG A 16 20.45 -17.20 -39.35
N GLY A 17 20.93 -17.62 -38.20
CA GLY A 17 21.86 -16.81 -37.41
C GLY A 17 23.29 -17.22 -37.70
N LYS A 18 24.24 -16.67 -36.92
CA LYS A 18 25.67 -16.96 -37.06
C LYS A 18 26.22 -17.63 -35.80
N ARG A 19 27.51 -17.98 -35.80
CA ARG A 19 28.22 -18.39 -34.58
C ARG A 19 29.45 -17.52 -34.44
N SER A 20 29.93 -17.32 -33.21
CA SER A 20 30.95 -16.29 -32.95
C SER A 20 31.71 -16.48 -31.64
N VAL A 21 32.73 -15.65 -31.42
CA VAL A 21 33.67 -15.79 -30.31
C VAL A 21 33.72 -14.58 -29.46
N SER A 22 33.27 -14.73 -28.23
CA SER A 22 33.14 -13.61 -27.31
C SER A 22 34.45 -12.86 -27.08
N LEU A 23 34.34 -11.73 -26.40
CA LEU A 23 35.49 -10.98 -25.90
C LEU A 23 36.17 -11.70 -24.75
N LEU A 24 35.62 -12.84 -24.35
CA LEU A 24 36.16 -13.61 -23.24
C LEU A 24 36.74 -14.91 -23.74
N GLY A 25 36.18 -15.41 -24.84
CA GLY A 25 36.64 -16.62 -25.48
C GLY A 25 35.52 -17.58 -25.84
N GLN A 26 34.37 -17.45 -25.21
CA GLN A 26 33.32 -18.44 -25.36
C GLN A 26 32.58 -18.23 -26.67
N GLU A 27 31.89 -19.25 -27.14
CA GLU A 27 31.22 -19.13 -28.40
C GLU A 27 29.75 -18.98 -28.15
N TYR A 28 29.07 -18.28 -29.06
CA TYR A 28 27.64 -18.09 -28.94
C TYR A 28 26.90 -17.97 -30.28
N VAL A 29 25.68 -18.51 -30.32
CA VAL A 29 24.82 -18.33 -31.46
C VAL A 29 24.21 -16.91 -31.42
N SER A 30 24.26 -16.20 -32.54
CA SER A 30 23.68 -14.88 -32.61
C SER A 30 22.71 -14.81 -33.78
N PHE A 31 21.54 -14.24 -33.51
CA PHE A 31 20.59 -13.83 -34.53
C PHE A 31 20.29 -12.32 -34.43
N GLN A 32 20.38 -11.59 -35.53
CA GLN A 32 20.11 -10.14 -35.52
C GLN A 32 19.28 -9.70 -36.72
N GLY A 33 18.35 -8.80 -36.47
CA GLY A 33 17.49 -8.28 -37.51
C GLY A 33 16.28 -9.13 -37.83
N ILE A 34 15.70 -9.82 -36.86
CA ILE A 34 14.50 -10.62 -37.12
C ILE A 34 13.19 -9.78 -37.09
N PRO A 35 12.56 -9.56 -38.25
CA PRO A 35 11.33 -8.77 -38.20
C PRO A 35 10.26 -9.36 -37.29
N TYR A 36 9.62 -8.45 -36.55
CA TYR A 36 8.43 -8.78 -35.76
C TYR A 36 7.35 -7.77 -36.04
N ALA A 37 7.71 -6.71 -36.79
CA ALA A 37 6.72 -5.81 -37.31
C ALA A 37 6.95 -5.37 -38.76
N ARG A 38 5.84 -5.28 -39.49
CA ARG A 38 5.84 -4.69 -40.80
C ARG A 38 6.41 -3.31 -40.71
N ALA A 39 7.25 -2.95 -41.67
CA ALA A 39 7.86 -1.64 -41.66
C ALA A 39 6.80 -0.54 -41.48
N PRO A 40 6.86 0.17 -40.35
CA PRO A 40 5.95 1.29 -40.21
C PRO A 40 6.31 2.34 -41.26
N GLU A 41 5.98 2.00 -42.50
CA GLU A 41 6.39 2.77 -43.66
C GLU A 41 5.22 3.42 -44.39
N GLY A 42 5.37 4.70 -44.70
CA GLY A 42 4.49 5.41 -45.58
C GLY A 42 3.19 5.79 -44.92
N GLU A 43 2.20 4.92 -45.08
CA GLU A 43 0.89 5.11 -44.44
C GLU A 43 0.95 4.78 -42.97
N LEU A 44 1.75 3.75 -42.64
CA LEU A 44 1.87 3.21 -41.27
C LEU A 44 2.85 4.00 -40.43
N ARG A 45 3.35 5.09 -40.98
CA ARG A 45 4.23 5.96 -40.24
C ARG A 45 3.42 6.67 -39.15
N PHE A 46 3.94 6.57 -37.93
CA PHE A 46 3.43 7.17 -36.70
C PHE A 46 2.47 6.23 -35.97
N LYS A 47 2.04 5.18 -36.68
CA LYS A 47 0.97 4.32 -36.23
C LYS A 47 1.47 3.11 -35.46
N ALA A 48 0.56 2.53 -34.68
CA ALA A 48 0.76 1.24 -34.06
C ALA A 48 1.32 0.21 -35.03
N PRO A 49 2.18 -0.71 -34.53
CA PRO A 49 2.85 -1.74 -35.33
C PRO A 49 1.98 -2.94 -35.64
N VAL A 50 2.15 -3.48 -36.84
CA VAL A 50 1.40 -4.69 -37.23
C VAL A 50 2.38 -5.80 -37.63
N PRO A 51 1.96 -7.05 -37.50
CA PRO A 51 2.95 -8.08 -37.80
C PRO A 51 3.52 -7.98 -39.21
N PRO A 52 4.62 -8.68 -39.46
CA PRO A 52 5.19 -8.74 -40.82
C PRO A 52 4.40 -9.73 -41.67
N GLN A 53 4.48 -9.71 -43.00
CA GLN A 53 3.79 -10.78 -43.74
C GLN A 53 4.77 -11.91 -43.87
N ASN A 54 4.20 -13.11 -43.88
CA ASN A 54 4.98 -14.31 -43.94
C ASN A 54 5.92 -14.28 -45.13
N TRP A 55 7.13 -14.80 -44.91
CA TRP A 55 8.15 -14.89 -45.95
C TRP A 55 8.66 -16.33 -45.98
N THR A 56 8.87 -16.86 -47.19
CA THR A 56 9.14 -18.27 -47.41
C THR A 56 10.63 -18.56 -47.53
N GLU A 57 11.40 -17.56 -47.96
CA GLU A 57 12.83 -17.74 -48.19
C GLU A 57 13.66 -17.42 -46.94
N THR A 58 14.52 -18.37 -46.53
CA THR A 58 15.38 -18.19 -45.34
C THR A 58 16.21 -16.91 -45.34
N LEU A 59 15.89 -16.04 -44.39
CA LEU A 59 16.41 -14.69 -44.29
C LEU A 59 17.67 -14.67 -43.47
N ASP A 60 18.66 -13.90 -43.93
CA ASP A 60 19.94 -13.84 -43.25
C ASP A 60 19.93 -12.89 -42.05
N CYS A 61 20.19 -13.42 -40.86
CA CYS A 61 20.33 -12.61 -39.66
C CYS A 61 21.70 -12.78 -39.00
N SER A 62 22.73 -12.84 -39.82
CA SER A 62 24.09 -12.99 -39.38
C SER A 62 24.72 -11.62 -39.10
N GLN A 63 24.03 -10.57 -39.52
CA GLN A 63 24.51 -9.21 -39.30
C GLN A 63 23.45 -8.32 -38.68
N GLN A 64 23.94 -7.36 -37.91
CA GLN A 64 23.15 -6.40 -37.20
C GLN A 64 22.30 -5.59 -38.19
N CYS A 65 21.17 -5.07 -37.72
CA CYS A 65 20.34 -4.21 -38.55
C CYS A 65 20.49 -2.75 -38.19
N GLU A 66 19.89 -1.91 -39.03
CA GLU A 66 19.96 -0.47 -38.80
C GLU A 66 18.97 -0.12 -37.71
N PRO A 67 19.27 0.93 -36.94
CA PRO A 67 18.36 1.32 -35.87
C PRO A 67 17.18 2.14 -36.38
N CYS A 68 16.12 2.20 -35.61
CA CYS A 68 15.09 3.19 -35.84
C CYS A 68 15.69 4.60 -35.86
N TYR A 69 15.19 5.43 -36.79
CA TYR A 69 15.74 6.76 -37.03
C TYR A 69 16.02 7.53 -35.76
N HIS A 70 17.18 8.16 -35.72
CA HIS A 70 17.52 9.10 -34.67
C HIS A 70 18.89 9.68 -34.94
N PHE A 71 19.24 10.64 -34.11
CA PHE A 71 20.53 11.23 -34.11
C PHE A 71 21.41 10.39 -33.21
N ASP A 72 22.25 9.57 -33.83
CA ASP A 72 23.25 8.80 -33.11
C ASP A 72 24.34 9.70 -32.61
N ARG A 73 24.31 10.10 -31.35
CA ARG A 73 25.30 11.03 -30.82
C ARG A 73 26.77 10.53 -30.80
N ARG A 74 27.01 9.22 -30.69
CA ARG A 74 28.40 8.75 -30.79
C ARG A 74 28.99 9.03 -32.18
N LEU A 75 28.14 9.07 -33.22
CA LEU A 75 28.54 9.40 -34.58
C LEU A 75 28.29 10.89 -34.96
N GLN A 76 27.40 11.55 -34.22
CA GLN A 76 26.91 12.93 -34.54
C GLN A 76 26.35 13.04 -35.95
N LYS A 77 25.50 12.07 -36.28
CA LYS A 77 24.97 11.81 -37.61
C LYS A 77 23.50 11.38 -37.40
N ILE A 78 22.56 11.80 -38.25
CA ILE A 78 21.26 11.14 -38.23
C ILE A 78 21.56 9.75 -38.73
N VAL A 79 20.78 8.75 -38.33
CA VAL A 79 21.00 7.39 -38.76
C VAL A 79 19.71 6.66 -38.64
N GLY A 80 19.60 5.57 -39.39
CA GLY A 80 18.50 4.66 -39.28
C GLY A 80 17.80 4.35 -40.57
N CYS A 81 16.60 3.83 -40.38
CA CYS A 81 15.85 3.16 -41.39
C CYS A 81 14.50 2.98 -40.76
N GLU A 82 13.44 3.05 -41.52
CA GLU A 82 12.13 2.98 -40.90
C GLU A 82 11.77 1.53 -40.69
N ASP A 83 12.25 0.67 -41.60
CA ASP A 83 12.03 -0.77 -41.48
C ASP A 83 13.09 -1.35 -40.53
N SER A 84 12.95 -1.06 -39.23
CA SER A 84 13.98 -1.40 -38.25
C SER A 84 13.40 -2.12 -37.04
N LEU A 85 12.13 -2.50 -37.12
CA LEU A 85 11.44 -3.17 -36.02
C LEU A 85 11.80 -4.60 -36.07
N LYS A 86 13.03 -4.84 -35.69
CA LYS A 86 13.57 -6.18 -35.71
C LYS A 86 14.07 -6.54 -34.32
N ILE A 87 14.24 -7.83 -34.07
CA ILE A 87 14.62 -8.35 -32.79
C ILE A 87 15.83 -9.27 -32.92
N ASN A 88 16.51 -9.46 -31.80
CA ASN A 88 17.84 -10.04 -31.71
C ASN A 88 17.98 -11.12 -30.64
N VAL A 89 18.49 -12.31 -31.00
CA VAL A 89 18.65 -13.42 -30.06
C VAL A 89 20.09 -13.81 -29.91
N PHE A 90 20.60 -13.73 -28.70
CA PHE A 90 21.92 -14.25 -28.39
C PHE A 90 21.78 -15.33 -27.34
N ALA A 91 22.59 -16.41 -27.44
CA ALA A 91 22.59 -17.55 -26.49
C ALA A 91 23.81 -18.48 -26.73
N LYS A 92 24.30 -19.20 -25.72
CA LYS A 92 25.43 -20.11 -25.94
C LYS A 92 25.11 -21.10 -27.06
N GLU A 93 23.90 -21.61 -27.04
CA GLU A 93 23.46 -22.54 -28.06
C GLU A 93 21.95 -22.68 -28.02
N ILE A 94 21.42 -23.44 -28.97
CA ILE A 94 19.98 -23.67 -29.07
C ILE A 94 19.62 -25.09 -28.60
N ASN A 95 18.93 -25.14 -27.46
CA ASN A 95 18.41 -26.38 -26.91
C ASN A 95 16.89 -26.38 -26.86
N PRO A 96 16.18 -26.65 -27.96
CA PRO A 96 14.71 -26.57 -27.83
C PRO A 96 14.10 -27.60 -26.84
N SER A 97 14.96 -28.34 -26.13
CA SER A 97 14.55 -29.39 -25.19
C SER A 97 14.99 -29.07 -23.75
N LYS A 98 15.86 -28.05 -23.61
CA LYS A 98 16.31 -27.50 -22.32
C LYS A 98 16.01 -25.98 -22.29
N PRO A 99 14.72 -25.60 -22.37
CA PRO A 99 14.34 -24.18 -22.51
C PRO A 99 14.95 -23.27 -21.44
N LEU A 100 15.82 -22.34 -21.84
CA LEU A 100 16.52 -21.45 -20.90
C LEU A 100 15.72 -20.19 -20.53
N PRO A 101 16.06 -19.60 -19.38
CA PRO A 101 15.31 -18.41 -19.01
C PRO A 101 15.74 -17.25 -19.89
N VAL A 102 14.79 -16.41 -20.23
CA VAL A 102 15.00 -15.28 -21.11
C VAL A 102 15.18 -13.97 -20.39
N MET A 103 16.26 -13.28 -20.67
CA MET A 103 16.40 -11.90 -20.34
C MET A 103 16.06 -11.06 -21.59
N LEU A 104 15.05 -10.21 -21.46
CA LEU A 104 14.58 -9.39 -22.59
C LEU A 104 14.96 -7.94 -22.39
N TYR A 105 15.71 -7.31 -23.31
CA TYR A 105 16.26 -5.97 -22.99
C TYR A 105 15.60 -4.89 -23.77
N ILE A 106 15.31 -3.82 -23.07
CA ILE A 106 14.79 -2.61 -23.69
C ILE A 106 15.74 -1.43 -23.50
N TYR A 107 16.23 -0.83 -24.60
CA TYR A 107 17.25 0.21 -24.48
C TYR A 107 16.62 1.48 -24.05
N GLY A 108 17.48 2.34 -23.50
CA GLY A 108 17.12 3.68 -23.11
C GLY A 108 17.53 4.63 -24.21
N GLY A 109 17.51 5.93 -23.91
CA GLY A 109 17.73 6.95 -24.90
C GLY A 109 16.73 8.11 -24.88
N GLY A 110 16.14 8.42 -23.71
CA GLY A 110 15.12 9.44 -23.55
C GLY A 110 13.92 9.39 -24.51
N PHE A 111 13.62 8.22 -25.02
CA PHE A 111 12.59 8.06 -26.02
C PHE A 111 12.93 8.81 -27.32
N THR A 112 14.06 9.53 -27.35
CA THR A 112 14.47 10.31 -28.52
C THR A 112 15.57 9.61 -29.35
N GLU A 113 16.47 8.86 -28.69
CA GLU A 113 17.48 8.05 -29.38
C GLU A 113 17.58 6.64 -28.80
N GLY A 114 18.50 5.81 -29.32
CA GLY A 114 18.69 4.44 -28.87
C GLY A 114 18.80 3.41 -29.96
N THR A 115 19.44 2.27 -29.65
CA THR A 115 19.66 1.17 -30.63
C THR A 115 19.92 -0.14 -29.94
N SER A 116 19.60 -1.25 -30.62
CA SER A 116 19.69 -2.56 -29.98
C SER A 116 20.98 -3.20 -30.44
N GLY A 117 21.86 -2.38 -30.99
CA GLY A 117 23.06 -2.87 -31.62
C GLY A 117 24.07 -3.38 -30.61
N THR A 118 24.89 -4.32 -31.05
CA THR A 118 25.90 -4.93 -30.20
C THR A 118 27.13 -4.05 -30.03
N GLU A 119 26.99 -2.75 -30.32
CA GLU A 119 28.09 -1.80 -30.21
C GLU A 119 27.92 -0.97 -28.93
N LEU A 120 26.73 -1.03 -28.34
CA LEU A 120 26.53 -0.54 -26.97
C LEU A 120 26.03 -1.64 -26.05
N TYR A 121 25.25 -2.56 -26.61
CA TYR A 121 24.63 -3.64 -25.84
C TYR A 121 25.15 -5.02 -26.32
N GLY A 122 26.44 -5.19 -26.04
CA GLY A 122 27.18 -6.38 -26.38
C GLY A 122 26.87 -7.53 -25.46
N PRO A 123 26.65 -8.71 -26.06
CA PRO A 123 26.17 -9.84 -25.29
C PRO A 123 27.27 -10.71 -24.72
N ASP A 124 28.50 -10.30 -24.92
CA ASP A 124 29.65 -11.12 -24.59
C ASP A 124 29.75 -11.50 -23.11
N PHE A 125 29.46 -10.55 -22.23
CA PHE A 125 29.59 -10.78 -20.82
C PHE A 125 28.48 -11.63 -20.30
N LEU A 126 27.30 -11.47 -20.87
CA LEU A 126 26.09 -12.05 -20.27
C LEU A 126 25.83 -13.42 -20.84
N VAL A 127 26.43 -13.71 -21.98
CA VAL A 127 26.15 -14.96 -22.66
C VAL A 127 26.98 -16.07 -22.03
N GLN A 128 27.71 -15.75 -20.97
CA GLN A 128 28.44 -16.75 -20.23
C GLN A 128 27.54 -17.54 -19.29
N LYS A 129 26.55 -16.90 -18.73
CA LYS A 129 25.65 -17.63 -17.87
C LYS A 129 24.61 -18.24 -18.76
N ASP A 130 23.82 -19.16 -18.25
CA ASP A 130 22.90 -19.90 -19.11
C ASP A 130 21.54 -19.26 -19.28
N ILE A 131 21.50 -18.14 -19.99
CA ILE A 131 20.22 -17.51 -20.36
C ILE A 131 20.06 -17.38 -21.87
N VAL A 132 18.94 -16.86 -22.29
CA VAL A 132 18.77 -16.36 -23.64
C VAL A 132 18.59 -14.82 -23.61
N LEU A 133 19.57 -14.08 -24.09
CA LEU A 133 19.42 -12.65 -24.26
C LEU A 133 18.56 -12.25 -25.46
N VAL A 134 17.66 -11.29 -25.27
CA VAL A 134 16.90 -10.72 -26.37
C VAL A 134 17.00 -9.19 -26.25
N SER A 135 17.00 -8.54 -27.40
CA SER A 135 17.08 -7.11 -27.46
C SER A 135 16.35 -6.77 -28.72
N PHE A 136 15.84 -5.57 -28.84
CA PHE A 136 15.12 -5.23 -30.04
C PHE A 136 15.06 -3.72 -30.21
N ASN A 137 14.80 -3.31 -31.45
CA ASN A 137 14.49 -1.95 -31.81
C ASN A 137 13.02 -1.58 -31.65
N TYR A 138 12.81 -0.45 -30.99
CA TYR A 138 11.51 0.25 -31.00
C TYR A 138 11.68 1.72 -31.38
N ARG A 139 10.67 2.26 -32.05
CA ARG A 139 10.73 3.63 -32.53
C ARG A 139 10.78 4.71 -31.46
N ILE A 140 11.54 5.76 -31.76
CA ILE A 140 11.87 6.83 -30.84
C ILE A 140 11.64 8.22 -31.47
N GLY A 141 11.67 9.26 -30.65
CA GLY A 141 11.24 10.58 -31.07
C GLY A 141 9.88 10.60 -31.73
N ALA A 142 9.61 11.69 -32.45
CA ALA A 142 8.35 11.88 -33.18
C ALA A 142 7.88 10.64 -33.93
N LEU A 143 8.81 9.91 -34.53
CA LEU A 143 8.43 8.78 -35.32
C LEU A 143 7.72 7.70 -34.50
N GLY A 144 8.02 7.68 -33.20
CA GLY A 144 7.46 6.69 -32.30
C GLY A 144 6.46 7.19 -31.30
N PHE A 145 6.35 8.51 -31.12
CA PHE A 145 5.58 9.09 -30.02
C PHE A 145 4.81 10.38 -30.39
N LEU A 146 4.50 10.50 -31.66
CA LEU A 146 3.64 11.57 -32.15
C LEU A 146 2.23 11.26 -31.69
N CYS A 147 1.46 12.31 -31.41
CA CYS A 147 0.15 12.13 -30.84
C CYS A 147 -0.88 13.08 -31.48
N CYS A 148 -1.72 12.49 -32.34
CA CYS A 148 -2.82 13.24 -32.97
C CYS A 148 -4.15 12.91 -32.27
N GLN A 149 -4.79 13.95 -31.71
CA GLN A 149 -5.98 13.76 -30.88
C GLN A 149 -7.27 13.44 -31.63
N SER A 150 -7.27 13.61 -32.93
CA SER A 150 -8.38 13.22 -33.74
C SER A 150 -8.27 11.75 -33.99
N GLU A 151 -9.34 11.02 -33.69
CA GLU A 151 -9.42 9.59 -34.00
C GLU A 151 -9.34 9.31 -35.52
N GLN A 152 -9.78 10.29 -36.31
CA GLN A 152 -9.77 10.26 -37.76
C GLN A 152 -8.38 9.97 -38.31
N ASP A 153 -7.37 10.42 -37.57
CA ASP A 153 -5.97 10.36 -38.00
C ASP A 153 -5.18 9.06 -37.61
N GLY A 154 -5.68 8.28 -36.64
CA GLY A 154 -5.12 6.97 -36.31
C GLY A 154 -3.74 6.97 -35.64
N VAL A 155 -3.42 8.08 -34.96
CA VAL A 155 -2.13 8.24 -34.29
C VAL A 155 -2.41 8.63 -32.84
N PRO A 156 -2.82 7.65 -32.02
CA PRO A 156 -3.19 7.86 -30.61
C PRO A 156 -2.00 8.24 -29.75
N GLY A 157 -0.89 7.59 -30.07
CA GLY A 157 0.40 7.90 -29.51
C GLY A 157 1.04 6.60 -29.10
N ASN A 158 2.24 6.75 -28.55
CA ASN A 158 2.91 5.67 -27.85
C ASN A 158 3.27 4.50 -28.74
N ALA A 159 3.56 4.80 -30.00
CA ALA A 159 3.75 3.76 -30.98
C ALA A 159 5.00 2.94 -30.64
N GLY A 160 6.00 3.61 -30.10
CA GLY A 160 7.19 2.97 -29.59
C GLY A 160 6.95 1.98 -28.46
N LEU A 161 5.99 2.26 -27.58
CA LEU A 161 5.63 1.37 -26.44
C LEU A 161 4.84 0.17 -26.92
N LYS A 162 4.09 0.40 -27.99
CA LYS A 162 3.34 -0.66 -28.65
C LYS A 162 4.29 -1.54 -29.46
N ASP A 163 5.33 -0.95 -30.04
CA ASP A 163 6.43 -1.68 -30.67
C ASP A 163 7.05 -2.64 -29.65
N GLN A 164 7.40 -2.14 -28.45
CA GLN A 164 7.83 -2.99 -27.35
C GLN A 164 6.79 -4.04 -26.93
N ASN A 165 5.51 -3.70 -26.95
CA ASN A 165 4.53 -4.71 -26.59
C ASN A 165 4.61 -5.87 -27.60
N LEU A 166 4.53 -5.56 -28.89
CA LEU A 166 4.61 -6.57 -29.94
C LEU A 166 5.87 -7.46 -29.78
N ALA A 167 7.02 -6.82 -29.65
CA ALA A 167 8.25 -7.50 -29.39
C ALA A 167 8.14 -8.54 -28.26
N ILE A 168 7.41 -8.21 -27.19
CA ILE A 168 7.30 -9.11 -26.04
C ILE A 168 6.40 -10.23 -26.47
N ARG A 169 5.32 -9.87 -27.16
CA ARG A 169 4.42 -10.87 -27.72
C ARG A 169 5.17 -11.85 -28.65
N TRP A 170 6.22 -11.37 -29.32
CA TRP A 170 7.00 -12.17 -30.23
C TRP A 170 7.89 -13.15 -29.45
N VAL A 171 8.58 -12.67 -28.43
CA VAL A 171 9.42 -13.55 -27.61
C VAL A 171 8.59 -14.69 -27.03
N LEU A 172 7.32 -14.43 -26.80
CA LEU A 172 6.46 -15.47 -26.27
C LEU A 172 6.15 -16.53 -27.29
N GLU A 173 6.00 -16.09 -28.53
CA GLU A 173 5.36 -16.87 -29.56
C GLU A 173 6.39 -17.60 -30.36
N ASN A 174 7.65 -17.24 -30.15
CA ASN A 174 8.73 -17.69 -31.00
C ASN A 174 9.90 -18.23 -30.23
N ILE A 175 10.28 -17.58 -29.14
CA ILE A 175 11.59 -17.86 -28.53
C ILE A 175 11.74 -19.35 -28.20
N ALA A 176 10.64 -20.12 -28.20
CA ALA A 176 10.71 -21.56 -27.89
C ALA A 176 11.71 -22.32 -28.77
N ALA A 177 11.88 -21.82 -29.99
CA ALA A 177 12.68 -22.47 -31.02
C ALA A 177 14.10 -21.94 -31.05
N PHE A 178 14.44 -21.02 -30.14
CA PHE A 178 15.83 -20.56 -30.01
C PHE A 178 16.39 -21.11 -28.68
N GLY A 179 15.65 -22.00 -28.04
CA GLY A 179 16.02 -22.48 -26.71
C GLY A 179 15.47 -21.65 -25.55
N GLY A 180 14.48 -20.81 -25.86
CA GLY A 180 13.88 -19.93 -24.87
C GLY A 180 12.64 -20.55 -24.29
N ASP A 181 12.36 -20.17 -23.04
CA ASP A 181 11.22 -20.64 -22.26
C ASP A 181 10.23 -19.51 -22.10
N PRO A 182 9.27 -19.36 -23.02
CA PRO A 182 8.38 -18.18 -22.98
C PRO A 182 7.67 -17.89 -21.64
N LYS A 183 7.75 -18.78 -20.66
CA LYS A 183 7.14 -18.55 -19.35
C LYS A 183 8.17 -18.28 -18.24
N ARG A 184 9.43 -18.03 -18.63
CA ARG A 184 10.51 -17.59 -17.73
C ARG A 184 11.20 -16.31 -18.23
N VAL A 185 10.42 -15.36 -18.74
CA VAL A 185 10.90 -14.08 -19.26
C VAL A 185 11.03 -13.00 -18.19
N THR A 186 12.24 -12.44 -18.06
CA THR A 186 12.52 -11.26 -17.27
C THR A 186 12.67 -10.06 -18.22
N LEU A 187 11.88 -9.01 -17.98
CA LEU A 187 11.96 -7.76 -18.73
C LEU A 187 12.87 -6.78 -18.02
N VAL A 188 13.83 -6.23 -18.75
CA VAL A 188 14.95 -5.44 -18.21
C VAL A 188 15.13 -4.19 -19.03
N GLY A 189 15.41 -3.05 -18.41
CA GLY A 189 15.37 -1.78 -19.13
C GLY A 189 16.20 -0.74 -18.43
N HIS A 190 16.82 0.18 -19.16
CA HIS A 190 17.63 1.22 -18.54
C HIS A 190 17.21 2.65 -19.00
N SER A 191 17.22 3.60 -18.07
CA SER A 191 16.65 4.94 -18.30
C SER A 191 15.20 4.89 -18.87
N ALA A 192 14.95 5.59 -19.98
CA ALA A 192 13.70 5.44 -20.71
C ALA A 192 13.26 3.99 -20.88
N GLY A 193 14.26 3.11 -20.98
CA GLY A 193 14.03 1.67 -21.12
C GLY A 193 13.48 1.10 -19.81
N ALA A 194 13.98 1.62 -18.70
CA ALA A 194 13.39 1.28 -17.39
C ALA A 194 11.99 1.85 -17.24
N ALA A 195 11.79 3.11 -17.63
CA ALA A 195 10.44 3.70 -17.58
C ALA A 195 9.55 2.92 -18.47
N SER A 196 10.05 2.54 -19.66
CA SER A 196 9.30 1.60 -20.47
C SER A 196 8.87 0.30 -19.75
N VAL A 197 9.79 -0.39 -19.08
CA VAL A 197 9.47 -1.62 -18.35
C VAL A 197 8.33 -1.33 -17.39
N GLN A 198 8.46 -0.26 -16.64
CA GLN A 198 7.46 0.02 -15.62
C GLN A 198 6.07 0.36 -16.19
N TYR A 199 6.01 0.99 -17.37
CA TYR A 199 4.73 1.07 -18.10
C TYR A 199 4.20 -0.33 -18.48
N HIS A 200 5.09 -1.28 -18.74
CA HIS A 200 4.63 -2.60 -19.13
C HIS A 200 4.10 -3.24 -17.90
N LEU A 201 4.74 -2.94 -16.77
CA LEU A 201 4.28 -3.45 -15.50
C LEU A 201 2.93 -2.88 -15.06
N ILE A 202 2.62 -1.62 -15.39
CA ILE A 202 1.41 -0.98 -14.84
C ILE A 202 0.30 -0.92 -15.84
N SER A 203 0.58 -1.30 -17.10
CA SER A 203 -0.47 -1.28 -18.17
C SER A 203 -1.07 -2.65 -18.39
N ASP A 204 -2.38 -2.71 -18.62
CA ASP A 204 -3.04 -4.00 -18.69
C ASP A 204 -2.69 -4.60 -20.07
N ALA A 205 -2.35 -3.74 -21.03
CA ALA A 205 -1.97 -4.17 -22.37
C ALA A 205 -0.76 -5.08 -22.40
N SER A 206 0.05 -5.08 -21.33
CA SER A 206 1.24 -5.90 -21.25
C SER A 206 1.08 -6.92 -20.15
N LYS A 207 -0.17 -7.32 -19.89
CA LYS A 207 -0.49 -8.14 -18.70
C LYS A 207 -0.06 -9.54 -18.84
N ASP A 208 0.49 -10.02 -17.73
CA ASP A 208 1.16 -11.30 -17.63
C ASP A 208 1.95 -11.76 -18.84
N LEU A 209 2.50 -10.85 -19.62
CA LEU A 209 3.32 -11.30 -20.74
C LEU A 209 4.70 -11.68 -20.26
N PHE A 210 5.04 -11.34 -19.01
CA PHE A 210 6.30 -11.79 -18.43
C PHE A 210 6.17 -11.94 -16.93
N GLN A 211 7.24 -12.40 -16.25
CA GLN A 211 7.16 -12.96 -14.90
C GLN A 211 7.96 -12.29 -13.83
N ARG A 212 9.04 -11.59 -14.24
CA ARG A 212 9.95 -10.87 -13.36
C ARG A 212 10.35 -9.64 -14.14
N ALA A 213 10.99 -8.67 -13.48
CA ALA A 213 11.47 -7.50 -14.19
C ALA A 213 12.61 -6.85 -13.46
N ILE A 214 13.56 -6.29 -14.22
CA ILE A 214 14.62 -5.48 -13.63
C ILE A 214 14.49 -4.04 -14.14
N VAL A 215 14.34 -3.11 -13.21
CA VAL A 215 14.05 -1.71 -13.54
C VAL A 215 15.28 -0.93 -13.21
N MET A 216 15.91 -0.35 -14.20
CA MET A 216 17.21 0.32 -14.03
C MET A 216 17.20 1.84 -14.27
N SER A 217 17.44 2.61 -13.23
CA SER A 217 17.62 4.06 -13.36
C SER A 217 16.56 4.70 -14.26
N GLY A 218 15.30 4.52 -13.90
CA GLY A 218 14.20 4.94 -14.72
C GLY A 218 12.87 4.52 -14.08
N SER A 219 11.88 5.37 -14.23
CA SER A 219 10.61 5.10 -13.58
C SER A 219 9.43 5.87 -14.15
N THR A 220 8.22 5.32 -14.09
CA THR A 220 6.97 6.08 -14.35
C THR A 220 6.71 7.20 -13.38
N TYR A 221 7.32 7.12 -12.19
CA TYR A 221 7.39 8.25 -11.25
C TYR A 221 8.45 9.35 -11.49
N ASN A 222 9.19 9.27 -12.56
CA ASN A 222 10.02 10.38 -12.95
C ASN A 222 9.13 11.24 -13.86
N SER A 223 9.13 12.53 -13.66
CA SER A 223 8.29 13.40 -14.46
C SER A 223 8.70 13.35 -15.94
N TRP A 224 9.98 13.20 -16.21
CA TRP A 224 10.38 13.10 -17.58
C TRP A 224 9.84 11.88 -18.35
N SER A 225 9.30 10.87 -17.66
CA SER A 225 8.68 9.73 -18.37
C SER A 225 7.34 9.98 -19.06
N LEU A 226 6.65 11.08 -18.77
CA LEU A 226 5.42 11.39 -19.53
C LEU A 226 5.34 12.80 -20.08
N THR A 227 5.02 12.85 -21.37
CA THR A 227 4.86 14.09 -22.09
C THR A 227 3.41 14.59 -22.02
N ARG A 228 3.26 15.91 -21.98
CA ARG A 228 1.96 16.56 -22.18
C ARG A 228 1.79 16.98 -23.65
N GLN A 229 0.58 16.88 -24.17
CA GLN A 229 0.35 17.41 -25.53
C GLN A 229 0.23 18.96 -25.48
N ARG A 230 1.07 19.64 -26.26
CA ARG A 230 1.06 21.10 -26.40
C ARG A 230 1.28 21.45 -27.88
N ASN A 231 0.47 20.87 -28.74
CA ASN A 231 0.42 21.26 -30.14
C ASN A 231 1.70 20.85 -30.83
N TRP A 232 2.19 19.67 -30.48
CA TRP A 232 3.50 19.25 -30.95
C TRP A 232 3.49 18.85 -32.42
N VAL A 233 2.37 18.26 -32.87
CA VAL A 233 2.24 17.74 -34.23
C VAL A 233 2.37 18.83 -35.27
N GLU A 234 2.03 20.06 -34.88
CA GLU A 234 2.04 21.18 -35.80
C GLU A 234 3.33 21.97 -35.64
N LYS A 235 3.75 22.22 -34.39
CA LYS A 235 4.99 22.94 -34.13
C LYS A 235 6.16 22.30 -34.89
N LEU A 236 6.07 21.00 -35.11
CA LEU A 236 7.10 20.27 -35.80
C LEU A 236 6.91 20.42 -37.28
N ALA A 237 5.68 20.20 -37.77
CA ALA A 237 5.34 20.41 -39.19
C ALA A 237 5.76 21.81 -39.60
N LYS A 238 5.42 22.81 -38.81
CA LYS A 238 5.89 24.19 -39.06
C LYS A 238 7.41 24.23 -39.16
N ALA A 239 8.11 23.95 -38.06
CA ALA A 239 9.59 23.96 -38.08
C ALA A 239 10.21 23.26 -39.30
N ILE A 240 9.53 22.24 -39.84
CA ILE A 240 9.99 21.48 -41.04
C ILE A 240 9.65 22.22 -42.32
N GLY A 241 8.73 23.19 -42.22
CA GLY A 241 8.37 24.06 -43.33
C GLY A 241 6.99 23.77 -43.96
N TRP A 242 5.94 23.95 -43.15
CA TRP A 242 4.58 23.52 -43.51
C TRP A 242 3.71 24.78 -43.63
N ASP A 243 2.80 24.78 -44.61
CA ASP A 243 2.06 26.01 -44.98
C ASP A 243 1.17 26.61 -43.85
N GLY A 244 0.76 25.79 -42.88
CA GLY A 244 -0.01 26.23 -41.73
C GLY A 244 -1.44 25.76 -41.86
N GLN A 245 -1.72 25.24 -43.06
CA GLN A 245 -3.06 24.92 -43.50
C GLN A 245 -3.40 23.47 -43.17
N GLY A 246 -4.60 23.27 -42.66
CA GLY A 246 -5.19 21.93 -42.57
C GLY A 246 -5.47 21.47 -41.15
N GLY A 247 -5.14 22.33 -40.19
CA GLY A 247 -5.11 21.97 -38.76
C GLY A 247 -4.00 21.00 -38.37
N GLU A 248 -4.17 20.34 -37.23
CA GLU A 248 -3.32 19.21 -36.86
C GLU A 248 -3.40 18.05 -37.87
N SER A 249 -4.62 17.60 -38.17
CA SER A 249 -4.84 16.61 -39.23
C SER A 249 -3.95 16.89 -40.42
N GLY A 250 -3.99 18.12 -40.90
CA GLY A 250 -3.23 18.56 -42.06
C GLY A 250 -1.74 18.67 -41.85
N ALA A 251 -1.31 18.89 -40.62
CA ALA A 251 0.12 18.85 -40.32
C ALA A 251 0.61 17.40 -40.34
N LEU A 252 -0.29 16.45 -40.07
CA LEU A 252 0.11 15.05 -40.02
C LEU A 252 0.49 14.56 -41.41
N ARG A 253 -0.31 14.89 -42.40
CA ARG A 253 -0.14 14.26 -43.71
C ARG A 253 1.07 14.87 -44.42
N PHE A 254 1.38 16.11 -44.03
CA PHE A 254 2.67 16.77 -44.34
C PHE A 254 3.84 16.06 -43.68
N LEU A 255 3.63 15.58 -42.45
CA LEU A 255 4.63 14.82 -41.76
C LEU A 255 4.72 13.40 -42.38
N LYS A 256 3.59 12.78 -42.76
CA LYS A 256 3.69 11.51 -43.47
C LYS A 256 4.38 11.65 -44.81
N ALA A 257 4.56 12.89 -45.26
CA ALA A 257 5.15 13.18 -46.55
C ALA A 257 6.61 13.60 -46.43
N ALA A 258 7.02 13.92 -45.21
CA ALA A 258 8.34 14.48 -44.97
C ALA A 258 9.38 13.37 -44.97
N LYS A 259 10.61 13.72 -45.32
CA LYS A 259 11.75 12.81 -45.15
C LYS A 259 11.91 12.64 -43.64
N PRO A 260 12.20 11.42 -43.17
CA PRO A 260 12.30 11.24 -41.71
C PRO A 260 13.54 11.93 -41.14
N GLU A 261 14.58 11.98 -41.95
CA GLU A 261 15.76 12.80 -41.65
C GLU A 261 15.34 14.23 -41.25
N ASP A 262 14.33 14.80 -41.91
CA ASP A 262 13.81 16.13 -41.53
C ASP A 262 13.11 16.10 -40.17
N ILE A 263 12.29 15.06 -39.96
CA ILE A 263 11.57 14.87 -38.72
C ILE A 263 12.56 14.86 -37.56
N VAL A 264 13.54 13.97 -37.65
CA VAL A 264 14.65 13.88 -36.70
C VAL A 264 15.40 15.22 -36.53
N ALA A 265 15.78 15.84 -37.64
CA ALA A 265 16.50 17.10 -37.57
C ALA A 265 15.73 18.11 -36.78
N ASN A 266 14.42 18.12 -36.93
CA ASN A 266 13.63 19.19 -36.33
C ASN A 266 12.97 18.84 -35.03
N GLN A 267 12.82 17.53 -34.77
CA GLN A 267 12.28 16.97 -33.53
C GLN A 267 12.62 17.83 -32.36
N GLU A 268 13.64 17.46 -31.59
CA GLU A 268 13.97 18.14 -30.34
C GLU A 268 14.30 19.59 -30.63
N LYS A 269 14.89 19.80 -31.82
CA LYS A 269 15.42 21.09 -32.29
C LYS A 269 14.47 22.22 -31.91
N LEU A 270 13.45 22.48 -32.72
CA LEU A 270 12.48 23.51 -32.38
C LEU A 270 11.26 22.79 -31.81
N LEU A 271 11.16 22.84 -30.50
CA LEU A 271 10.14 22.10 -29.82
C LEU A 271 9.84 22.70 -28.45
N THR A 272 10.73 22.51 -27.48
CA THR A 272 10.41 22.78 -26.08
C THR A 272 9.91 24.21 -25.86
N ASP A 273 9.17 24.39 -24.76
CA ASP A 273 8.40 25.63 -24.53
C ASP A 273 9.21 26.75 -23.87
N GLN A 274 10.19 26.31 -23.07
CA GLN A 274 10.90 27.11 -22.07
C GLN A 274 10.08 27.12 -20.80
N ASP A 275 8.77 26.95 -20.94
CA ASP A 275 7.93 26.51 -19.84
C ASP A 275 8.14 25.03 -19.59
N MET A 276 9.26 24.50 -20.07
CA MET A 276 9.79 23.24 -19.59
C MET A 276 10.18 23.41 -18.11
N GLN A 277 10.13 24.65 -17.61
CA GLN A 277 10.11 24.88 -16.18
C GLN A 277 9.04 23.93 -15.59
N ASP A 278 7.86 23.90 -16.22
CA ASP A 278 6.91 22.78 -16.03
C ASP A 278 7.49 21.56 -16.77
N ASP A 279 8.07 20.59 -16.04
CA ASP A 279 9.00 19.63 -16.65
C ASP A 279 8.40 18.94 -17.86
N ILE A 280 8.72 19.51 -19.02
CA ILE A 280 8.64 18.79 -20.27
C ILE A 280 10.09 18.43 -20.59
N PHE A 281 10.40 17.14 -20.46
CA PHE A 281 11.70 16.66 -20.88
C PHE A 281 11.64 16.69 -22.39
N THR A 282 10.79 15.85 -22.96
CA THR A 282 10.64 15.79 -24.41
C THR A 282 9.15 15.84 -24.76
N PRO A 283 8.83 16.22 -25.99
CA PRO A 283 7.45 16.24 -26.43
C PRO A 283 7.08 15.09 -27.32
N PHE A 284 8.07 14.36 -27.81
CA PHE A 284 7.81 13.06 -28.40
C PHE A 284 8.30 11.98 -27.47
N GLY A 285 7.41 11.65 -26.54
CA GLY A 285 7.65 10.73 -25.46
C GLY A 285 6.32 10.06 -25.17
N PRO A 286 6.24 9.30 -24.08
CA PRO A 286 4.97 8.72 -23.67
C PRO A 286 3.93 9.77 -23.30
N THR A 287 2.71 9.41 -23.63
CA THR A 287 1.60 10.31 -23.43
C THR A 287 0.37 9.56 -23.02
N VAL A 288 -0.50 10.24 -22.30
CA VAL A 288 -1.86 9.74 -22.08
C VAL A 288 -2.56 9.89 -23.39
N GLU A 289 -3.08 8.77 -23.86
CA GLU A 289 -3.73 8.66 -25.16
C GLU A 289 -5.12 9.31 -25.17
N PRO A 290 -5.43 10.05 -26.25
CA PRO A 290 -6.69 10.82 -26.36
C PRO A 290 -7.95 9.98 -26.54
N TYR A 291 -7.82 8.71 -26.89
CA TYR A 291 -8.95 7.82 -27.10
C TYR A 291 -8.42 6.38 -27.09
N LEU A 292 -9.28 5.36 -27.03
CA LEU A 292 -8.86 3.95 -26.83
C LEU A 292 -8.79 3.10 -28.09
N THR A 293 -7.66 2.41 -28.31
CA THR A 293 -7.58 1.41 -29.38
C THR A 293 -7.43 0.10 -28.67
N GLU A 294 -7.28 -0.99 -29.40
CA GLU A 294 -7.11 -2.27 -28.74
C GLU A 294 -5.66 -2.35 -28.26
N GLN A 295 -4.79 -1.69 -29.00
CA GLN A 295 -3.35 -1.75 -28.73
C GLN A 295 -2.94 -0.73 -27.68
N CYS A 296 -3.90 0.06 -27.18
CA CYS A 296 -3.64 1.13 -26.20
C CYS A 296 -2.69 0.75 -25.05
N MET A 297 -1.73 1.62 -24.78
CA MET A 297 -0.80 1.37 -23.68
C MET A 297 -1.10 2.22 -22.46
N ILE A 298 -1.32 3.50 -22.71
CA ILE A 298 -1.56 4.46 -21.65
C ILE A 298 -2.96 5.11 -21.77
N PRO A 299 -4.00 4.40 -21.25
CA PRO A 299 -5.42 4.78 -21.31
C PRO A 299 -5.77 5.95 -20.40
N LYS A 300 -5.14 6.01 -19.25
CA LYS A 300 -5.32 7.13 -18.35
C LYS A 300 -3.98 7.51 -17.72
N GLU A 301 -4.05 8.41 -16.74
CA GLU A 301 -2.89 8.85 -16.02
C GLU A 301 -2.15 7.64 -15.44
N PRO A 302 -0.81 7.57 -15.71
CA PRO A 302 0.15 6.57 -15.19
C PRO A 302 0.05 6.45 -13.69
N PHE A 303 0.00 7.61 -13.02
CA PHE A 303 -0.04 7.66 -11.56
C PHE A 303 -1.18 6.77 -11.04
N GLU A 304 -2.35 6.86 -11.68
CA GLU A 304 -3.52 6.03 -11.34
C GLU A 304 -3.42 4.60 -11.88
N MET A 305 -2.96 4.44 -13.11
CA MET A 305 -2.70 3.12 -13.65
C MET A 305 -1.91 2.29 -12.60
N ALA A 306 -0.83 2.87 -12.08
CA ALA A 306 0.03 2.23 -11.09
C ALA A 306 -0.65 1.62 -9.89
N ARG A 307 -1.76 2.19 -9.45
CA ARG A 307 -2.35 1.80 -8.18
C ARG A 307 -2.97 0.39 -8.26
N THR A 308 -3.23 -0.04 -9.49
CA THR A 308 -3.92 -1.29 -9.72
C THR A 308 -3.15 -2.15 -10.70
N ALA A 309 -1.82 -2.06 -10.61
CA ALA A 309 -0.94 -2.66 -11.61
C ALA A 309 -0.90 -4.15 -11.48
N TRP A 310 -1.22 -4.85 -12.57
CA TRP A 310 -0.93 -6.28 -12.68
C TRP A 310 0.50 -6.60 -12.24
N GLY A 311 1.43 -5.75 -12.60
CA GLY A 311 2.80 -5.91 -12.20
C GLY A 311 3.10 -6.01 -10.73
N ASP A 312 2.17 -5.60 -9.87
CA ASP A 312 2.44 -5.61 -8.46
C ASP A 312 2.45 -7.01 -7.96
N LYS A 313 2.08 -7.97 -8.81
CA LYS A 313 2.05 -9.35 -8.41
C LYS A 313 3.32 -10.14 -8.81
N ILE A 314 4.24 -9.53 -9.52
CA ILE A 314 5.50 -10.19 -9.83
C ILE A 314 6.69 -9.52 -9.18
N ASP A 315 7.75 -10.30 -9.03
CA ASP A 315 8.97 -9.90 -8.38
C ASP A 315 9.79 -9.00 -9.24
N ILE A 316 10.40 -7.98 -8.67
CA ILE A 316 11.27 -7.14 -9.48
C ILE A 316 12.56 -6.78 -8.78
N MET A 317 13.53 -6.34 -9.56
CA MET A 317 14.77 -5.78 -9.01
C MET A 317 14.93 -4.40 -9.60
N ILE A 318 15.23 -3.46 -8.72
CA ILE A 318 15.24 -2.06 -9.10
C ILE A 318 16.44 -1.39 -8.47
N GLY A 319 17.03 -0.44 -9.19
CA GLY A 319 18.08 0.38 -8.59
C GLY A 319 18.63 1.37 -9.59
N GLY A 320 19.65 2.11 -9.15
CA GLY A 320 20.44 3.02 -9.96
C GLY A 320 21.88 3.23 -9.41
N THR A 321 22.55 4.30 -9.82
CA THR A 321 23.95 4.49 -9.47
C THR A 321 24.10 5.56 -8.42
N SER A 322 25.31 5.81 -7.92
CA SER A 322 25.53 6.67 -6.73
C SER A 322 25.66 8.15 -7.04
N GLU A 323 25.97 8.44 -8.30
CA GLU A 323 26.05 9.82 -8.81
C GLU A 323 25.39 9.89 -10.21
N GLU A 324 24.12 9.43 -10.31
CA GLU A 324 23.33 9.45 -11.55
C GLU A 324 23.39 10.81 -12.21
N GLY A 325 23.37 11.86 -11.39
CA GLY A 325 23.25 13.24 -11.86
C GLY A 325 24.38 13.76 -12.76
N LEU A 326 25.45 12.99 -12.88
CA LEU A 326 26.56 13.39 -13.69
C LEU A 326 26.12 13.65 -15.11
N LEU A 327 25.03 12.98 -15.50
CA LEU A 327 24.47 13.17 -16.83
C LEU A 327 24.19 14.62 -17.07
N LEU A 328 23.79 15.30 -15.99
CA LEU A 328 23.21 16.63 -16.10
C LEU A 328 24.23 17.73 -16.30
N LEU A 329 25.50 17.40 -16.13
CA LEU A 329 26.55 18.37 -16.27
C LEU A 329 26.82 18.65 -17.72
N GLN A 330 26.53 17.70 -18.59
CA GLN A 330 26.55 17.94 -20.04
C GLN A 330 26.07 19.34 -20.40
N LYS A 331 24.78 19.58 -20.17
CA LYS A 331 24.15 20.87 -20.43
C LYS A 331 24.98 21.95 -19.75
N ILE A 332 25.59 21.63 -18.61
CA ILE A 332 26.39 22.61 -17.87
C ILE A 332 27.76 22.93 -18.49
N LYS A 333 28.38 22.03 -19.24
CA LYS A 333 29.63 22.37 -19.92
C LYS A 333 29.34 23.30 -21.08
N LEU A 334 28.10 23.29 -21.55
CA LEU A 334 27.68 24.16 -22.65
C LEU A 334 26.86 25.30 -22.09
N GLN A 335 27.51 26.43 -21.88
CA GLN A 335 26.96 27.54 -21.12
C GLN A 335 26.88 27.16 -19.65
N PRO A 336 28.06 27.09 -18.99
CA PRO A 336 28.16 27.15 -17.54
C PRO A 336 27.55 28.44 -17.04
N GLU A 337 27.79 28.82 -15.78
CA GLU A 337 27.20 30.03 -15.20
C GLU A 337 25.66 29.96 -15.17
N LEU A 338 25.10 28.93 -15.76
CA LEU A 338 23.73 28.62 -15.52
C LEU A 338 23.67 28.01 -14.12
N LEU A 339 24.83 27.64 -13.59
CA LEU A 339 24.94 27.31 -12.16
C LEU A 339 24.95 28.56 -11.25
N SER A 340 25.20 29.72 -11.84
CA SER A 340 25.08 30.98 -11.11
C SER A 340 23.72 31.61 -11.35
N HIS A 341 22.95 31.01 -12.26
CA HIS A 341 21.56 31.42 -12.47
C HIS A 341 20.85 31.43 -11.12
N PRO A 342 20.09 32.50 -10.84
CA PRO A 342 19.52 32.63 -9.50
C PRO A 342 18.23 31.82 -9.27
N HIS A 343 17.70 31.22 -10.33
CA HIS A 343 16.54 30.33 -10.25
C HIS A 343 16.97 28.88 -10.32
N LEU A 344 18.26 28.70 -10.13
CA LEU A 344 18.88 27.40 -10.19
C LEU A 344 18.23 26.44 -9.22
N PHE A 345 17.96 26.92 -8.01
CA PHE A 345 17.33 26.13 -6.98
C PHE A 345 15.84 26.07 -7.10
N LEU A 346 15.23 27.23 -7.30
CA LEU A 346 13.78 27.37 -7.24
C LEU A 346 13.11 26.67 -8.39
N GLY A 347 13.88 26.41 -9.45
CA GLY A 347 13.39 25.69 -10.61
C GLY A 347 13.65 24.21 -10.56
N ASN A 348 14.14 23.72 -9.44
CA ASN A 348 14.19 22.28 -9.22
C ASN A 348 13.22 21.85 -8.13
N VAL A 349 12.43 22.80 -7.63
CA VAL A 349 11.33 22.42 -6.75
C VAL A 349 10.28 21.90 -7.73
N PRO A 350 9.77 20.67 -7.52
CA PRO A 350 8.89 20.11 -8.56
C PRO A 350 7.70 20.97 -8.88
N PRO A 351 7.45 21.16 -10.17
CA PRO A 351 6.55 22.20 -10.66
C PRO A 351 5.10 22.03 -10.25
N ASN A 352 4.62 20.79 -10.17
CA ASN A 352 3.18 20.53 -10.10
C ASN A 352 2.67 20.27 -8.68
N LEU A 353 3.43 20.73 -7.71
CA LEU A 353 2.99 20.54 -6.38
C LEU A 353 1.87 21.56 -6.18
N LYS A 354 0.80 21.13 -5.51
CA LYS A 354 -0.14 22.08 -4.95
C LYS A 354 0.48 22.63 -3.69
N ILE A 355 1.40 23.56 -3.89
CA ILE A 355 1.92 24.34 -2.79
C ILE A 355 1.92 25.81 -3.21
N SER A 356 1.85 26.70 -2.23
CA SER A 356 1.94 28.13 -2.50
C SER A 356 3.36 28.56 -2.92
N MET A 357 3.48 29.77 -3.44
CA MET A 357 4.75 30.27 -3.92
C MET A 357 5.68 30.54 -2.77
N GLU A 358 5.15 30.79 -1.61
CA GLU A 358 5.99 30.91 -0.44
C GLU A 358 6.59 29.57 0.03
N LYS A 359 5.81 28.51 -0.01
CA LYS A 359 6.35 27.19 0.30
C LYS A 359 7.41 26.80 -0.71
N ARG A 360 7.11 27.02 -1.97
CA ARG A 360 8.04 26.74 -3.03
C ARG A 360 9.33 27.51 -2.80
N ILE A 361 9.19 28.75 -2.32
CA ILE A 361 10.37 29.58 -2.03
C ILE A 361 11.13 28.87 -0.93
N GLU A 362 10.37 28.44 0.08
CA GLU A 362 10.91 27.80 1.26
C GLU A 362 11.61 26.43 0.98
N PHE A 363 11.01 25.64 0.09
CA PHE A 363 11.58 24.35 -0.33
C PHE A 363 12.95 24.56 -1.03
N ALA A 364 13.05 25.55 -1.90
CA ALA A 364 14.28 25.76 -2.65
C ALA A 364 15.42 26.19 -1.77
N ALA A 365 15.07 26.84 -0.65
CA ALA A 365 16.03 27.15 0.41
C ALA A 365 16.55 25.91 1.15
N LYS A 366 15.68 24.93 1.36
CA LYS A 366 16.11 23.67 1.95
C LYS A 366 17.03 22.89 1.01
N LEU A 367 16.78 23.06 -0.28
CA LEU A 367 17.64 22.50 -1.30
C LEU A 367 19.03 23.13 -1.31
N LYS A 368 19.12 24.46 -1.18
CA LYS A 368 20.40 25.14 -1.03
C LYS A 368 21.14 24.60 0.18
N GLN A 369 20.45 24.54 1.32
CA GLN A 369 21.14 24.16 2.54
C GLN A 369 21.57 22.70 2.45
N ARG A 370 20.78 21.85 1.80
CA ARG A 370 21.21 20.49 1.61
C ARG A 370 22.41 20.40 0.69
N TYR A 371 22.28 20.87 -0.54
CA TYR A 371 23.32 20.60 -1.51
C TYR A 371 24.51 21.63 -1.56
N TYR A 372 24.37 22.79 -0.91
CA TYR A 372 25.33 23.89 -1.01
C TYR A 372 25.20 24.79 0.21
N PRO A 373 25.40 24.20 1.39
CA PRO A 373 25.21 24.94 2.64
C PRO A 373 26.07 26.19 2.68
N ASP A 374 27.36 26.11 2.31
CA ASP A 374 28.14 27.33 2.08
C ASP A 374 29.27 27.19 1.07
N SER A 375 28.93 27.42 -0.19
CA SER A 375 29.88 27.34 -1.28
C SER A 375 28.94 27.53 -2.43
N SER A 376 29.47 27.79 -3.62
CA SER A 376 28.64 28.23 -4.74
C SER A 376 28.76 27.32 -5.90
N PRO A 377 27.62 27.05 -6.54
CA PRO A 377 27.70 26.01 -7.57
C PRO A 377 28.66 26.41 -8.71
N SER A 378 29.43 25.45 -9.22
CA SER A 378 30.35 25.75 -10.30
C SER A 378 30.91 24.47 -10.83
N MET A 379 31.42 24.53 -12.06
CA MET A 379 31.92 23.37 -12.77
C MET A 379 32.96 22.61 -11.99
N GLU A 380 33.51 23.27 -10.98
CA GLU A 380 34.55 22.71 -10.14
C GLU A 380 33.99 22.28 -8.77
N ASN A 381 32.88 22.88 -8.36
CA ASN A 381 32.25 22.61 -7.08
C ASN A 381 30.85 22.13 -7.43
N ASN A 382 30.79 21.04 -8.16
CA ASN A 382 29.56 20.52 -8.76
C ASN A 382 28.80 19.37 -8.02
N LEU A 383 29.45 18.68 -7.07
CA LEU A 383 28.91 17.47 -6.46
C LEU A 383 27.51 17.70 -5.89
N GLY A 384 27.31 18.90 -5.38
CA GLY A 384 26.03 19.26 -4.79
C GLY A 384 24.89 19.28 -5.80
N TYR A 385 25.19 19.75 -7.01
CA TYR A 385 24.23 19.85 -8.10
C TYR A 385 24.03 18.46 -8.72
N VAL A 386 25.12 17.72 -8.88
CA VAL A 386 25.03 16.30 -9.29
C VAL A 386 24.17 15.51 -8.31
N HIS A 387 24.29 15.74 -7.01
CA HIS A 387 23.40 15.10 -6.08
C HIS A 387 21.97 15.58 -6.33
N MET A 388 21.80 16.88 -6.51
CA MET A 388 20.47 17.42 -6.72
C MET A 388 19.75 16.78 -7.90
N MET A 389 20.46 16.71 -9.01
CA MET A 389 19.91 16.25 -10.24
C MET A 389 19.69 14.72 -10.16
N SER A 390 20.52 14.06 -9.34
CA SER A 390 20.43 12.60 -9.18
C SER A 390 19.12 12.23 -8.51
N ASP A 391 18.77 13.04 -7.52
CA ASP A 391 17.57 12.90 -6.75
C ASP A 391 16.36 13.35 -7.52
N ARG A 392 16.39 14.58 -8.02
CA ARG A 392 15.24 15.08 -8.74
C ARG A 392 14.88 14.21 -9.95
N VAL A 393 15.89 13.80 -10.71
CA VAL A 393 15.66 13.20 -12.01
C VAL A 393 15.46 11.67 -11.92
N PHE A 394 16.08 11.00 -10.95
CA PHE A 394 16.14 9.53 -11.03
C PHE A 394 15.70 8.86 -9.74
N TRP A 395 16.35 9.21 -8.63
CA TRP A 395 16.27 8.42 -7.43
C TRP A 395 15.00 8.68 -6.74
N HIS A 396 14.51 9.90 -6.72
CA HIS A 396 13.21 10.12 -6.06
C HIS A 396 12.11 9.26 -6.71
N GLY A 397 12.21 9.03 -8.02
CA GLY A 397 11.28 8.19 -8.72
C GLY A 397 11.49 6.73 -8.40
N LEU A 398 12.76 6.32 -8.28
CA LEU A 398 13.10 4.95 -7.86
C LEU A 398 12.57 4.67 -6.46
N HIS A 399 12.79 5.61 -5.56
CA HIS A 399 12.36 5.55 -4.17
C HIS A 399 10.83 5.51 -3.95
N ARG A 400 10.13 6.35 -4.69
CA ARG A 400 8.69 6.28 -4.69
C ARG A 400 8.24 4.90 -5.19
N THR A 401 8.94 4.37 -6.20
CA THR A 401 8.58 3.07 -6.75
C THR A 401 8.77 2.00 -5.69
N ILE A 402 9.80 2.13 -4.90
CA ILE A 402 10.08 1.21 -3.81
C ILE A 402 9.08 1.31 -2.67
N LEU A 403 8.73 2.55 -2.27
CA LEU A 403 7.68 2.79 -1.27
C LEU A 403 6.34 2.22 -1.76
N ALA A 404 5.97 2.52 -2.99
CA ALA A 404 4.72 1.99 -3.51
C ALA A 404 4.71 0.45 -3.54
N ARG A 405 5.81 -0.22 -3.84
CA ARG A 405 5.88 -1.67 -3.79
C ARG A 405 5.69 -2.22 -2.36
N ALA A 406 6.09 -1.44 -1.37
CA ALA A 406 6.11 -1.94 -0.01
C ALA A 406 4.70 -1.89 0.59
N ALA A 407 3.89 -1.01 0.02
CA ALA A 407 2.56 -0.68 0.48
C ALA A 407 1.53 -1.59 -0.19
N ARG A 408 1.63 -1.74 -1.51
CA ARG A 408 0.59 -2.36 -2.32
C ARG A 408 0.99 -3.66 -3.04
N SER A 409 2.25 -4.04 -2.99
CA SER A 409 2.65 -5.32 -3.56
C SER A 409 3.04 -6.32 -2.47
N ARG A 410 2.48 -7.52 -2.51
CA ARG A 410 2.98 -8.60 -1.64
C ARG A 410 4.07 -9.45 -2.31
N ALA A 411 4.61 -8.96 -3.43
CA ALA A 411 5.72 -9.62 -4.11
C ALA A 411 7.10 -9.30 -3.43
N ARG A 412 8.19 -9.89 -3.94
CA ARG A 412 9.55 -9.49 -3.56
C ARG A 412 10.03 -8.27 -4.35
N THR A 413 10.72 -7.37 -3.66
CA THR A 413 11.35 -6.24 -4.33
C THR A 413 12.81 -6.12 -3.90
N PHE A 414 13.69 -6.26 -4.86
CA PHE A 414 15.13 -6.22 -4.59
C PHE A 414 15.68 -4.88 -5.02
N VAL A 415 16.54 -4.28 -4.19
CA VAL A 415 17.04 -2.97 -4.53
C VAL A 415 18.56 -2.98 -4.61
N TYR A 416 19.08 -2.38 -5.68
CA TYR A 416 20.54 -2.31 -5.81
C TYR A 416 20.95 -0.88 -5.94
N ARG A 417 22.25 -0.71 -5.72
CA ARG A 417 22.94 0.54 -5.91
C ARG A 417 24.34 0.26 -6.47
N ILE A 418 24.65 0.84 -7.64
CA ILE A 418 25.93 0.65 -8.30
C ILE A 418 26.79 1.85 -7.97
N CYS A 419 27.98 1.59 -7.40
CA CYS A 419 28.99 2.61 -7.02
C CYS A 419 30.33 2.48 -7.78
N LEU A 420 30.43 1.50 -8.68
CA LEU A 420 31.67 1.19 -9.37
C LEU A 420 32.30 2.46 -9.98
N ASP A 421 33.41 2.90 -9.42
CA ASP A 421 34.09 4.11 -9.87
C ASP A 421 35.43 3.81 -10.52
N SER A 422 35.45 3.53 -11.82
CA SER A 422 36.70 3.16 -12.49
C SER A 422 37.27 4.22 -13.41
N GLU A 423 38.60 4.37 -13.39
CA GLU A 423 39.33 5.40 -14.13
C GLU A 423 39.28 5.23 -15.66
N PHE A 424 38.94 4.03 -16.14
CA PHE A 424 38.87 3.77 -17.58
C PHE A 424 37.66 3.01 -18.02
N TYR A 425 37.05 2.26 -17.11
CA TYR A 425 35.96 1.38 -17.55
C TYR A 425 34.51 1.96 -17.48
N ASN A 426 34.32 3.10 -16.83
CA ASN A 426 33.01 3.78 -16.79
C ASN A 426 32.80 4.60 -18.05
N HIS A 427 32.60 3.91 -19.16
CA HIS A 427 32.68 4.49 -20.49
C HIS A 427 31.80 5.71 -20.71
N TYR A 428 30.54 5.65 -20.29
CA TYR A 428 29.63 6.74 -20.58
C TYR A 428 30.04 8.02 -19.85
N ARG A 429 30.40 7.93 -18.58
CA ARG A 429 30.90 9.09 -17.85
C ARG A 429 32.18 9.69 -18.44
N ILE A 430 32.91 8.88 -19.22
CA ILE A 430 34.28 9.18 -19.62
C ILE A 430 34.32 9.69 -21.04
N MET A 431 33.48 9.09 -21.88
CA MET A 431 33.27 9.49 -23.26
C MET A 431 32.22 10.53 -23.53
N MET A 432 31.15 10.51 -22.77
CA MET A 432 30.00 11.34 -23.08
C MET A 432 29.82 12.50 -22.13
N ILE A 433 30.46 12.40 -20.97
CA ILE A 433 30.34 13.45 -19.98
C ILE A 433 31.68 14.23 -19.86
N ASP A 434 32.72 13.60 -19.31
CA ASP A 434 34.01 14.25 -19.04
C ASP A 434 35.08 13.21 -18.62
N PRO A 435 36.26 13.28 -19.24
CA PRO A 435 37.29 12.38 -18.75
C PRO A 435 37.93 12.85 -17.44
N LYS A 436 37.40 13.93 -16.90
CA LYS A 436 37.99 14.55 -15.72
C LYS A 436 37.41 13.98 -14.46
N LEU A 437 36.11 13.68 -14.53
CA LEU A 437 35.30 13.40 -13.37
C LEU A 437 35.45 12.04 -12.75
N ARG A 438 35.10 11.98 -11.49
CA ARG A 438 34.91 10.74 -10.73
C ARG A 438 33.43 10.48 -10.47
N GLY A 439 33.14 9.26 -10.02
CA GLY A 439 31.82 8.89 -9.56
C GLY A 439 31.18 7.89 -10.48
N THR A 440 29.97 7.46 -10.13
CA THR A 440 29.24 6.51 -10.98
C THR A 440 28.02 7.20 -11.56
N ALA A 441 27.94 7.23 -12.88
CA ALA A 441 27.05 8.13 -13.61
C ALA A 441 25.97 7.36 -14.32
N HIS A 442 25.06 8.11 -14.91
CA HIS A 442 23.97 7.47 -15.51
C HIS A 442 24.63 6.61 -16.58
N ALA A 443 24.38 5.33 -16.53
CA ALA A 443 24.66 4.34 -17.58
C ALA A 443 26.10 3.80 -17.60
N ASP A 444 26.89 4.27 -16.64
CA ASP A 444 28.19 3.71 -16.33
C ASP A 444 28.09 2.24 -16.12
N GLU A 445 26.98 1.81 -15.56
CA GLU A 445 26.94 0.47 -15.02
C GLU A 445 26.75 -0.43 -16.21
N LEU A 446 26.37 0.14 -17.34
CA LEU A 446 26.10 -0.67 -18.52
C LEU A 446 27.41 -1.21 -19.11
N SER A 447 28.51 -0.55 -18.82
CA SER A 447 29.83 -1.06 -19.22
C SER A 447 30.13 -2.39 -18.54
N TYR A 448 29.54 -2.57 -17.36
CA TYR A 448 29.83 -3.72 -16.58
C TYR A 448 28.86 -4.80 -16.89
N LEU A 449 28.00 -4.60 -17.86
CA LEU A 449 27.05 -5.63 -18.19
C LEU A 449 27.12 -6.06 -19.64
N PHE A 450 27.31 -5.06 -20.49
CA PHE A 450 27.37 -5.25 -21.92
C PHE A 450 28.75 -4.92 -22.43
N SER A 451 29.20 -5.70 -23.41
CA SER A 451 30.44 -5.36 -24.10
C SER A 451 30.05 -4.32 -25.09
N ASN A 452 30.98 -3.50 -25.46
CA ASN A 452 30.67 -2.50 -26.45
C ASN A 452 31.79 -2.32 -27.48
N PHE A 453 31.77 -1.22 -28.20
CA PHE A 453 32.64 -1.06 -29.34
C PHE A 453 34.11 -0.97 -28.94
N THR A 454 34.39 -0.64 -27.68
CA THR A 454 35.77 -0.48 -27.23
C THR A 454 36.55 -1.79 -27.27
N GLN A 455 35.82 -2.89 -27.26
CA GLN A 455 36.38 -4.23 -27.18
C GLN A 455 37.10 -4.41 -25.85
N GLN A 456 36.78 -3.53 -24.88
CA GLN A 456 37.53 -3.37 -23.63
C GLN A 456 37.14 -4.32 -22.54
N VAL A 457 38.10 -4.68 -21.67
CA VAL A 457 37.89 -5.76 -20.69
C VAL A 457 38.87 -5.71 -19.49
N PRO A 458 38.38 -5.51 -18.25
CA PRO A 458 39.41 -5.39 -17.23
C PRO A 458 40.07 -6.75 -17.00
N GLY A 459 41.33 -6.76 -16.59
CA GLY A 459 42.13 -7.98 -16.65
C GLY A 459 42.24 -8.95 -15.47
N LYS A 460 41.17 -9.10 -14.68
CA LYS A 460 41.02 -10.16 -13.66
C LYS A 460 41.74 -9.97 -12.34
N GLU A 461 42.62 -9.00 -12.24
CA GLU A 461 43.22 -8.68 -10.96
C GLU A 461 42.72 -7.33 -10.51
N THR A 462 41.93 -6.71 -11.41
CA THR A 462 41.43 -5.35 -11.22
C THR A 462 40.09 -5.47 -10.56
N PHE A 463 39.73 -4.48 -9.75
CA PHE A 463 38.41 -4.45 -9.14
C PHE A 463 37.29 -4.25 -10.16
N GLU A 464 37.65 -3.73 -11.32
CA GLU A 464 36.70 -3.53 -12.39
C GLU A 464 36.16 -4.85 -12.83
N TYR A 465 37.00 -5.88 -12.73
CA TYR A 465 36.65 -7.23 -13.20
C TYR A 465 35.71 -7.83 -12.18
N ARG A 466 35.94 -7.45 -10.92
CA ARG A 466 35.16 -7.94 -9.80
C ARG A 466 33.76 -7.39 -9.91
N GLY A 467 33.70 -6.12 -10.31
CA GLY A 467 32.46 -5.43 -10.63
C GLY A 467 31.69 -6.12 -11.75
N LEU A 468 32.37 -6.36 -12.87
CA LEU A 468 31.75 -6.99 -14.04
C LEU A 468 31.05 -8.27 -13.66
N GLN A 469 31.75 -9.08 -12.89
CA GLN A 469 31.26 -10.41 -12.65
C GLN A 469 30.17 -10.33 -11.61
N THR A 470 30.36 -9.48 -10.63
CA THR A 470 29.33 -9.28 -9.66
C THR A 470 27.97 -8.91 -10.33
N LEU A 471 27.89 -7.81 -11.09
CA LEU A 471 26.64 -7.46 -11.77
C LEU A 471 26.11 -8.55 -12.64
N VAL A 472 26.98 -9.12 -13.46
CA VAL A 472 26.52 -10.10 -14.42
C VAL A 472 25.89 -11.24 -13.65
N ASP A 473 26.49 -11.53 -12.48
CA ASP A 473 26.09 -12.68 -11.69
C ASP A 473 24.74 -12.33 -11.02
N VAL A 474 24.61 -11.19 -10.34
CA VAL A 474 23.32 -10.85 -9.67
C VAL A 474 22.17 -10.67 -10.65
N PHE A 475 22.38 -9.95 -11.74
CA PHE A 475 21.33 -9.77 -12.73
C PHE A 475 20.89 -11.12 -13.37
N THR A 476 21.83 -11.97 -13.78
CA THR A 476 21.45 -13.25 -14.36
C THR A 476 20.93 -14.18 -13.26
N ALA A 477 21.50 -14.10 -12.06
CA ALA A 477 20.95 -14.86 -10.94
C ALA A 477 19.45 -14.56 -10.81
N PHE A 478 19.10 -13.28 -10.86
CA PHE A 478 17.69 -12.93 -10.78
C PHE A 478 16.91 -13.35 -12.01
N VAL A 479 17.50 -13.24 -13.19
CA VAL A 479 16.79 -13.61 -14.38
C VAL A 479 16.45 -15.10 -14.35
N ILE A 480 17.29 -15.89 -13.69
CA ILE A 480 17.14 -17.35 -13.68
C ILE A 480 16.14 -17.89 -12.63
N ASN A 481 16.25 -17.52 -11.35
CA ASN A 481 15.31 -18.04 -10.34
C ASN A 481 14.67 -16.99 -9.44
N GLY A 482 14.48 -15.77 -9.97
CA GLY A 482 13.99 -14.65 -9.19
C GLY A 482 14.70 -14.43 -7.84
N ASP A 483 15.97 -14.85 -7.78
CA ASP A 483 16.79 -14.70 -6.59
C ASP A 483 18.20 -14.18 -6.96
N PRO A 484 18.51 -12.96 -6.55
CA PRO A 484 19.75 -12.31 -6.95
C PRO A 484 20.97 -12.76 -6.19
N ASN A 485 20.80 -13.66 -5.24
CA ASN A 485 21.97 -14.20 -4.55
C ASN A 485 22.68 -15.14 -5.45
N CYS A 486 24.01 -15.07 -5.38
CA CYS A 486 24.87 -15.74 -6.31
C CYS A 486 26.27 -15.95 -5.73
N GLY A 487 27.15 -16.53 -6.53
CA GLY A 487 28.54 -16.69 -6.17
C GLY A 487 29.24 -15.47 -5.61
N MET A 488 29.26 -14.38 -6.39
CA MET A 488 29.92 -13.16 -5.92
C MET A 488 29.37 -12.54 -4.59
N THR A 489 28.07 -12.63 -4.37
CA THR A 489 27.55 -12.04 -3.14
C THR A 489 28.04 -12.94 -2.00
N ALA A 490 27.87 -14.25 -2.14
CA ALA A 490 28.39 -15.25 -1.17
C ALA A 490 29.83 -15.04 -0.69
N LYS A 491 30.76 -14.86 -1.63
CA LYS A 491 32.17 -14.72 -1.32
C LYS A 491 32.51 -13.33 -0.83
N SER A 492 31.50 -12.66 -0.29
CA SER A 492 31.71 -11.46 0.50
C SER A 492 30.90 -11.64 1.79
N GLY A 493 30.26 -12.78 1.94
CA GLY A 493 29.44 -13.04 3.11
C GLY A 493 28.28 -12.04 3.24
N VAL A 494 27.52 -11.87 2.18
CA VAL A 494 26.33 -11.08 2.26
C VAL A 494 25.18 -11.76 1.57
N VAL A 495 24.01 -11.48 2.10
CA VAL A 495 22.76 -11.95 1.57
C VAL A 495 22.03 -10.74 1.05
N PHE A 496 21.78 -10.74 -0.26
CA PHE A 496 20.86 -9.82 -0.93
C PHE A 496 19.42 -10.22 -0.54
N GLU A 497 18.80 -9.53 0.43
CA GLU A 497 17.40 -9.85 0.81
C GLU A 497 16.43 -8.95 0.09
N PRO A 498 15.23 -9.43 -0.09
CA PRO A 498 14.29 -8.48 -0.66
C PRO A 498 13.98 -7.41 0.38
N ASN A 499 13.68 -6.22 -0.13
CA ASN A 499 13.40 -5.12 0.75
C ASN A 499 12.11 -5.29 1.57
N ALA A 500 12.26 -4.94 2.86
CA ALA A 500 11.27 -5.17 3.88
C ALA A 500 11.15 -3.97 4.84
N GLN A 501 11.57 -2.80 4.42
CA GLN A 501 11.36 -1.60 5.20
C GLN A 501 11.36 -0.33 4.36
N THR A 502 10.75 0.72 4.87
CA THR A 502 10.76 2.03 4.24
C THR A 502 11.31 3.05 5.20
N LYS A 503 11.34 2.72 6.48
CA LYS A 503 11.77 3.66 7.51
C LYS A 503 12.89 3.05 8.35
N PRO A 504 14.02 3.76 8.46
CA PRO A 504 14.39 5.10 7.97
C PRO A 504 14.66 5.13 6.49
N THR A 505 14.80 3.97 5.90
CA THR A 505 14.87 3.90 4.46
C THR A 505 14.74 2.42 4.07
N PHE A 506 14.97 2.15 2.81
CA PHE A 506 14.97 0.80 2.32
C PHE A 506 16.40 0.33 2.32
N LYS A 507 16.54 -0.98 2.19
CA LYS A 507 17.81 -1.67 2.19
C LYS A 507 18.15 -2.12 0.75
N CYS A 508 19.42 -1.96 0.37
CA CYS A 508 19.86 -2.27 -0.99
C CYS A 508 21.19 -3.02 -0.99
N LEU A 509 21.42 -3.83 -2.01
CA LEU A 509 22.78 -4.28 -2.30
C LEU A 509 23.61 -3.15 -2.87
N ASN A 510 24.57 -2.70 -2.09
CA ASN A 510 25.53 -1.73 -2.58
C ASN A 510 26.76 -2.36 -3.24
N ILE A 511 26.84 -2.29 -4.57
CA ILE A 511 27.97 -2.86 -5.31
C ILE A 511 29.05 -1.81 -5.59
N ALA A 512 30.09 -1.81 -4.77
CA ALA A 512 31.17 -0.85 -4.84
C ALA A 512 32.49 -1.46 -5.41
N ASN A 513 33.51 -0.60 -5.49
CA ASN A 513 34.80 -1.03 -6.05
C ASN A 513 35.33 -2.21 -5.27
N ASP A 514 35.25 -2.02 -3.95
CA ASP A 514 35.67 -2.98 -2.94
C ASP A 514 34.60 -3.98 -2.54
N GLY A 515 33.73 -4.37 -3.47
CA GLY A 515 32.79 -5.44 -3.23
C GLY A 515 31.39 -5.04 -2.82
N VAL A 516 30.67 -6.00 -2.29
CA VAL A 516 29.25 -5.82 -2.07
C VAL A 516 28.93 -5.68 -0.60
N ALA A 517 27.73 -5.25 -0.31
CA ALA A 517 27.21 -5.13 1.05
C ALA A 517 25.71 -4.86 0.99
N PHE A 518 24.95 -5.32 1.99
CA PHE A 518 23.50 -5.17 2.04
C PHE A 518 23.29 -4.18 3.12
N VAL A 519 22.82 -2.96 2.78
CA VAL A 519 22.79 -1.86 3.72
C VAL A 519 21.54 -1.01 3.55
N ASP A 520 21.27 -0.18 4.53
CA ASP A 520 20.41 0.97 4.34
C ASP A 520 20.92 1.83 3.19
N TYR A 521 20.01 2.37 2.40
CA TYR A 521 20.36 3.34 1.37
C TYR A 521 21.06 4.48 2.05
N PRO A 522 22.27 4.82 1.59
CA PRO A 522 23.05 5.81 2.37
C PRO A 522 22.68 7.28 2.19
N ASP A 523 21.79 7.58 1.28
CA ASP A 523 21.53 8.96 0.88
C ASP A 523 20.10 9.24 1.17
N ALA A 524 19.58 8.53 2.16
CA ALA A 524 18.16 8.58 2.50
C ALA A 524 17.68 9.97 2.92
N ASP A 525 18.54 10.65 3.65
CA ASP A 525 18.28 11.97 4.21
C ASP A 525 17.87 12.93 3.13
N ARG A 526 18.59 12.93 2.00
CA ARG A 526 18.23 13.75 0.85
C ARG A 526 16.80 13.48 0.36
N LEU A 527 16.46 12.20 0.25
CA LEU A 527 15.20 11.82 -0.32
C LEU A 527 14.09 12.03 0.70
N ASP A 528 14.43 12.10 1.98
CA ASP A 528 13.40 12.48 2.93
C ASP A 528 12.95 13.88 2.53
N MET A 529 13.91 14.71 2.16
CA MET A 529 13.60 16.09 1.81
C MET A 529 12.71 16.15 0.59
N TRP A 530 12.94 15.29 -0.38
CA TRP A 530 12.10 15.30 -1.57
C TRP A 530 10.69 14.78 -1.16
N ASP A 531 10.63 13.93 -0.17
CA ASP A 531 9.34 13.39 0.16
C ASP A 531 8.53 14.51 0.83
N ALA A 532 9.25 15.46 1.39
CA ALA A 532 8.59 16.41 2.25
C ALA A 532 7.98 17.54 1.39
N MET A 533 8.61 17.82 0.26
CA MET A 533 8.00 18.72 -0.72
C MET A 533 6.61 18.21 -1.16
N TYR A 534 6.37 16.92 -0.92
CA TYR A 534 5.12 16.25 -1.35
C TYR A 534 4.12 16.19 -0.23
N VAL A 535 3.95 17.32 0.43
CA VAL A 535 3.23 17.33 1.64
C VAL A 535 1.80 17.57 1.34
N ASN A 536 1.47 18.17 0.20
CA ASN A 536 0.06 18.31 -0.17
C ASN A 536 -0.26 17.53 -1.39
N ASP A 537 0.64 16.59 -1.69
CA ASP A 537 0.51 15.75 -2.86
C ASP A 537 0.75 14.32 -2.43
N GLU A 538 0.04 13.40 -3.06
CA GLU A 538 0.19 11.98 -2.78
C GLU A 538 1.43 11.39 -3.42
N LEU A 539 2.25 10.66 -2.67
CA LEU A 539 3.56 10.21 -3.21
C LEU A 539 3.34 9.06 -4.15
N PHE A 540 2.45 8.15 -3.77
CA PHE A 540 2.08 7.06 -4.66
C PHE A 540 0.64 6.67 -4.36
N GLU B 4 -49.31 -17.47 16.92
CA GLU B 4 -48.09 -16.83 17.37
C GLU B 4 -46.92 -17.22 16.52
N SER B 5 -46.54 -18.48 16.61
CA SER B 5 -45.50 -19.02 15.76
C SER B 5 -44.14 -18.41 16.05
N LEU B 6 -43.92 -17.97 17.29
CA LEU B 6 -42.62 -17.44 17.69
C LEU B 6 -41.58 -18.52 17.92
N THR B 7 -41.89 -19.75 17.54
CA THR B 7 -40.95 -20.85 17.69
C THR B 7 -40.03 -20.92 16.48
N VAL B 8 -38.72 -21.08 16.71
CA VAL B 8 -37.77 -21.16 15.61
C VAL B 8 -36.87 -22.35 15.77
N GLN B 9 -36.66 -22.99 14.63
CA GLN B 9 -35.80 -24.14 14.55
C GLN B 9 -34.42 -23.69 14.17
N THR B 10 -33.52 -23.78 15.14
CA THR B 10 -32.12 -23.50 14.90
C THR B 10 -31.48 -24.83 14.61
N LYS B 11 -30.24 -24.76 14.15
CA LYS B 11 -29.50 -25.94 13.79
C LYS B 11 -29.43 -26.89 14.97
N TYR B 12 -29.43 -26.33 16.18
CA TYR B 12 -29.16 -27.14 17.36
C TYR B 12 -30.41 -27.46 18.22
N GLY B 13 -31.60 -26.99 17.83
CA GLY B 13 -32.81 -27.27 18.60
C GLY B 13 -33.75 -26.08 18.72
N PRO B 14 -35.07 -26.34 18.81
CA PRO B 14 -36.12 -25.32 18.72
C PRO B 14 -35.93 -24.13 19.65
N VAL B 15 -36.41 -22.97 19.22
CA VAL B 15 -36.21 -21.76 19.99
C VAL B 15 -37.42 -20.86 19.92
N ARG B 16 -37.80 -20.30 21.08
CA ARG B 16 -38.96 -19.43 21.18
C ARG B 16 -38.64 -18.09 21.87
N GLY B 17 -39.12 -17.00 21.28
CA GLY B 17 -38.78 -15.67 21.72
C GLY B 17 -39.94 -14.88 22.29
N LYS B 18 -40.20 -13.73 21.71
CA LYS B 18 -41.19 -12.81 22.24
C LYS B 18 -41.49 -11.70 21.25
N ARG B 19 -42.69 -11.16 21.29
CA ARG B 19 -42.98 -9.85 20.71
C ARG B 19 -42.91 -8.93 21.89
N SER B 20 -42.83 -7.65 21.62
CA SER B 20 -42.55 -6.70 22.67
C SER B 20 -42.76 -5.33 22.06
N VAL B 21 -42.41 -4.28 22.79
CA VAL B 21 -42.57 -2.93 22.27
C VAL B 21 -41.36 -2.04 22.58
N SER B 22 -40.99 -1.29 21.55
CA SER B 22 -39.84 -0.42 21.62
C SER B 22 -40.13 0.75 22.53
N LEU B 23 -39.15 1.62 22.71
CA LEU B 23 -39.41 2.83 23.44
C LEU B 23 -40.06 3.83 22.47
N LEU B 24 -40.06 3.51 21.18
CA LEU B 24 -40.59 4.43 20.17
C LEU B 24 -42.01 4.07 19.75
N GLY B 25 -42.55 3.04 20.39
CA GLY B 25 -43.91 2.61 20.13
C GLY B 25 -44.08 1.60 19.02
N GLN B 26 -42.97 1.06 18.53
CA GLN B 26 -43.06 -0.01 17.55
C GLN B 26 -42.98 -1.33 18.29
N GLU B 27 -43.61 -2.34 17.72
CA GLU B 27 -43.47 -3.69 18.25
C GLU B 27 -42.44 -4.35 17.38
N TYR B 28 -41.60 -5.12 18.05
CA TYR B 28 -40.61 -5.92 17.39
C TYR B 28 -40.62 -7.33 18.01
N VAL B 29 -40.22 -8.31 17.21
CA VAL B 29 -39.99 -9.66 17.71
C VAL B 29 -38.64 -9.69 18.39
N SER B 30 -38.37 -10.66 19.27
CA SER B 30 -37.11 -10.59 19.99
C SER B 30 -36.73 -11.87 20.73
N PHE B 31 -35.80 -12.58 20.12
CA PHE B 31 -35.19 -13.75 20.72
C PHE B 31 -33.92 -13.38 21.44
N GLN B 32 -33.70 -13.91 22.64
CA GLN B 32 -32.51 -13.64 23.42
C GLN B 32 -31.99 -14.91 24.03
N GLY B 33 -30.73 -14.90 24.45
CA GLY B 33 -30.16 -16.01 25.15
C GLY B 33 -29.96 -17.29 24.34
N ILE B 34 -30.38 -17.33 23.07
CA ILE B 34 -30.08 -18.49 22.18
C ILE B 34 -28.62 -18.94 22.25
N PRO B 35 -28.35 -20.24 22.48
CA PRO B 35 -26.94 -20.65 22.49
C PRO B 35 -26.40 -20.93 21.08
N TYR B 36 -25.12 -20.62 20.91
CA TYR B 36 -24.40 -20.89 19.67
C TYR B 36 -23.20 -21.75 20.04
N ALA B 37 -22.87 -21.81 21.33
CA ALA B 37 -21.73 -22.63 21.78
C ALA B 37 -21.98 -23.31 23.11
N ARG B 38 -21.19 -24.32 23.36
CA ARG B 38 -21.27 -25.12 24.56
C ARG B 38 -20.58 -24.37 25.72
N ALA B 39 -21.11 -24.50 26.93
CA ALA B 39 -20.55 -23.79 28.09
C ALA B 39 -19.10 -24.18 28.35
N PRO B 40 -18.18 -23.20 28.30
CA PRO B 40 -16.79 -23.53 28.54
C PRO B 40 -16.49 -23.72 30.01
N GLU B 41 -17.24 -24.64 30.63
CA GLU B 41 -17.05 -24.99 32.03
C GLU B 41 -15.98 -26.05 32.24
N GLY B 42 -15.43 -26.07 33.45
CA GLY B 42 -14.57 -27.16 33.85
C GLY B 42 -13.30 -27.18 33.05
N GLU B 43 -13.28 -28.02 32.01
CA GLU B 43 -12.06 -28.27 31.24
C GLU B 43 -12.02 -27.47 29.93
N LEU B 44 -13.21 -27.22 29.39
CA LEU B 44 -13.34 -26.41 28.20
C LEU B 44 -13.07 -24.95 28.46
N ARG B 45 -12.68 -24.63 29.69
CA ARG B 45 -12.40 -23.27 30.13
C ARG B 45 -11.07 -22.82 29.55
N PHE B 46 -11.02 -21.57 29.06
CA PHE B 46 -9.85 -20.96 28.41
C PHE B 46 -9.66 -21.42 26.98
N LYS B 47 -10.39 -22.48 26.63
CA LYS B 47 -10.22 -23.22 25.40
C LYS B 47 -11.21 -22.75 24.40
N ALA B 48 -10.96 -23.04 23.13
CA ALA B 48 -11.80 -22.52 22.07
C ALA B 48 -13.24 -22.91 22.31
N PRO B 49 -14.17 -22.21 21.66
CA PRO B 49 -15.56 -22.62 21.73
C PRO B 49 -15.75 -23.93 21.02
N VAL B 50 -16.92 -24.53 21.19
CA VAL B 50 -17.32 -25.75 20.46
C VAL B 50 -18.83 -25.70 20.44
N PRO B 51 -19.46 -26.33 19.45
CA PRO B 51 -20.91 -26.13 19.34
C PRO B 51 -21.71 -26.81 20.45
N PRO B 52 -22.96 -26.35 20.65
CA PRO B 52 -23.76 -26.88 21.75
C PRO B 52 -24.33 -28.25 21.44
N GLN B 53 -24.44 -29.13 22.43
CA GLN B 53 -25.18 -30.36 22.25
C GLN B 53 -26.62 -30.06 21.84
N ASN B 54 -27.11 -30.72 20.80
CA ASN B 54 -28.50 -30.49 20.33
C ASN B 54 -29.52 -30.66 21.49
N TRP B 55 -30.64 -29.95 21.40
CA TRP B 55 -31.72 -30.12 22.38
C TRP B 55 -33.06 -30.22 21.66
N THR B 56 -34.06 -30.71 22.38
CA THR B 56 -35.31 -31.12 21.75
C THR B 56 -36.51 -30.28 22.16
N GLU B 57 -36.47 -29.72 23.36
CA GLU B 57 -37.54 -28.85 23.85
C GLU B 57 -37.35 -27.39 23.52
N THR B 58 -38.38 -26.79 22.90
CA THR B 58 -38.43 -25.37 22.67
C THR B 58 -37.85 -24.64 23.88
N LEU B 59 -36.76 -23.91 23.62
CA LEU B 59 -35.99 -23.21 24.65
C LEU B 59 -36.44 -21.76 24.77
N ASP B 60 -36.68 -21.32 26.01
CA ASP B 60 -37.19 -19.97 26.28
C ASP B 60 -36.13 -18.91 26.07
N CYS B 61 -36.46 -18.03 25.14
CA CYS B 61 -35.61 -16.94 24.74
C CYS B 61 -36.44 -15.66 24.83
N SER B 62 -37.48 -15.73 25.65
CA SER B 62 -38.35 -14.60 25.90
C SER B 62 -37.57 -13.59 26.72
N GLN B 63 -36.45 -14.06 27.27
CA GLN B 63 -35.73 -13.30 28.27
C GLN B 63 -34.22 -13.28 28.00
N GLN B 64 -33.55 -12.31 28.63
CA GLN B 64 -32.13 -12.02 28.43
C GLN B 64 -31.26 -12.78 29.39
N CYS B 65 -30.16 -13.34 28.87
CA CYS B 65 -29.29 -14.23 29.64
C CYS B 65 -28.27 -13.49 30.47
N GLU B 66 -27.41 -14.23 31.17
CA GLU B 66 -26.26 -13.64 31.86
C GLU B 66 -25.14 -13.30 30.88
N PRO B 67 -24.36 -12.25 31.18
CA PRO B 67 -23.13 -11.96 30.43
C PRO B 67 -22.05 -12.96 30.75
N CYS B 68 -20.87 -12.82 30.19
CA CYS B 68 -19.76 -13.66 30.59
C CYS B 68 -19.18 -13.02 31.83
N TYR B 69 -18.38 -13.76 32.59
CA TYR B 69 -17.84 -13.23 33.85
C TYR B 69 -17.01 -11.96 33.62
N HIS B 70 -17.35 -10.91 34.38
CA HIS B 70 -16.58 -9.65 34.38
C HIS B 70 -17.02 -8.71 35.53
N PHE B 71 -16.26 -7.65 35.74
CA PHE B 71 -16.70 -6.59 36.65
C PHE B 71 -17.56 -5.52 35.95
N ASP B 72 -18.87 -5.57 36.17
CA ASP B 72 -19.78 -4.54 35.67
C ASP B 72 -19.35 -3.22 36.31
N ARG B 73 -19.41 -2.11 35.57
CA ARG B 73 -18.92 -0.83 36.08
C ARG B 73 -20.04 0.06 36.57
N ARG B 74 -21.21 -0.13 35.98
CA ARG B 74 -22.44 0.45 36.52
C ARG B 74 -22.67 -0.06 37.96
N LEU B 75 -22.98 -1.36 38.09
CA LEU B 75 -23.35 -1.99 39.35
C LEU B 75 -22.21 -2.22 40.37
N GLN B 76 -20.97 -1.99 39.95
CA GLN B 76 -19.75 -2.23 40.74
C GLN B 76 -19.72 -3.61 41.41
N LYS B 77 -20.12 -4.59 40.60
CA LYS B 77 -20.41 -5.98 40.98
C LYS B 77 -19.84 -7.03 39.96
N ILE B 78 -19.13 -8.07 40.42
CA ILE B 78 -18.86 -9.22 39.55
C ILE B 78 -20.19 -9.80 39.02
N VAL B 79 -20.28 -10.10 37.73
CA VAL B 79 -21.51 -10.69 37.15
C VAL B 79 -21.20 -11.71 36.05
N GLY B 80 -22.21 -12.49 35.66
CA GLY B 80 -22.09 -13.47 34.59
C GLY B 80 -21.96 -14.94 34.98
N CYS B 81 -22.57 -15.81 34.17
CA CYS B 81 -22.39 -17.27 34.28
C CYS B 81 -21.45 -17.80 33.17
N GLU B 82 -20.76 -18.92 33.40
CA GLU B 82 -19.82 -19.45 32.39
C GLU B 82 -20.55 -19.95 31.18
N ASP B 83 -21.80 -20.35 31.34
CA ASP B 83 -22.55 -20.79 30.19
C ASP B 83 -23.24 -19.58 29.59
N SER B 84 -22.45 -18.76 28.88
CA SER B 84 -22.88 -17.45 28.42
C SER B 84 -22.74 -17.25 26.91
N LEU B 85 -21.97 -18.13 26.27
CA LEU B 85 -21.76 -18.07 24.83
C LEU B 85 -23.10 -18.29 24.10
N LYS B 86 -23.95 -17.28 24.23
CA LYS B 86 -25.26 -17.29 23.66
C LYS B 86 -25.36 -16.11 22.70
N ILE B 87 -26.52 -15.93 22.06
CA ILE B 87 -26.72 -14.92 21.04
C ILE B 87 -28.19 -14.47 21.05
N ASN B 88 -28.42 -13.22 20.66
CA ASN B 88 -29.76 -12.63 20.56
C ASN B 88 -30.05 -12.23 19.12
N VAL B 89 -31.33 -12.16 18.74
CA VAL B 89 -31.77 -11.67 17.43
C VAL B 89 -32.92 -10.69 17.61
N PHE B 90 -33.03 -9.67 16.76
CA PHE B 90 -34.17 -8.75 16.80
C PHE B 90 -34.56 -8.29 15.40
N ALA B 91 -35.81 -7.90 15.23
CA ALA B 91 -36.32 -7.37 13.97
C ALA B 91 -37.77 -7.04 14.13
N LYS B 92 -38.35 -6.48 13.07
CA LYS B 92 -39.76 -6.17 13.05
C LYS B 92 -40.56 -7.45 13.01
N GLU B 93 -40.36 -8.24 11.95
CA GLU B 93 -41.02 -9.53 11.81
C GLU B 93 -40.06 -10.57 11.26
N ILE B 94 -40.53 -11.81 11.25
CA ILE B 94 -39.82 -12.94 10.68
C ILE B 94 -40.44 -13.31 9.34
N ASN B 95 -39.84 -12.78 8.28
CA ASN B 95 -40.35 -12.93 6.95
C ASN B 95 -39.37 -13.70 6.05
N PRO B 96 -39.26 -15.05 6.20
CA PRO B 96 -38.40 -15.80 5.29
C PRO B 96 -38.77 -15.66 3.78
N SER B 97 -39.84 -14.92 3.46
CA SER B 97 -40.24 -14.62 2.07
C SER B 97 -39.84 -13.20 1.64
N LYS B 98 -38.83 -12.66 2.29
CA LYS B 98 -38.32 -11.35 1.97
C LYS B 98 -37.09 -11.13 2.80
N PRO B 99 -36.01 -11.88 2.49
CA PRO B 99 -34.80 -11.87 3.31
C PRO B 99 -34.20 -10.49 3.51
N LEU B 100 -33.83 -10.20 4.75
CA LEU B 100 -33.34 -8.88 5.11
C LEU B 100 -31.85 -8.84 5.46
N PRO B 101 -31.16 -7.73 5.15
CA PRO B 101 -29.76 -7.54 5.54
C PRO B 101 -29.57 -7.57 7.05
N VAL B 102 -28.54 -8.29 7.49
CA VAL B 102 -28.25 -8.45 8.90
C VAL B 102 -27.25 -7.39 9.34
N MET B 103 -27.37 -6.96 10.58
CA MET B 103 -26.38 -6.13 11.17
C MET B 103 -25.87 -6.91 12.33
N LEU B 104 -24.72 -7.49 12.18
CA LEU B 104 -24.14 -8.22 13.28
C LEU B 104 -23.22 -7.35 14.14
N TYR B 105 -23.66 -6.98 15.34
CA TYR B 105 -22.86 -6.07 16.16
C TYR B 105 -21.94 -6.84 17.11
N ILE B 106 -20.84 -6.21 17.53
CA ILE B 106 -19.88 -6.77 18.50
C ILE B 106 -19.52 -5.74 19.56
N TYR B 107 -19.66 -6.08 20.84
CA TYR B 107 -19.50 -5.06 21.86
C TYR B 107 -18.06 -4.83 22.20
N GLY B 108 -17.80 -3.67 22.80
CA GLY B 108 -16.46 -3.34 23.26
C GLY B 108 -16.37 -3.53 24.74
N GLY B 109 -15.32 -3.00 25.32
CA GLY B 109 -15.13 -3.06 26.75
C GLY B 109 -13.71 -3.41 27.06
N GLY B 110 -12.80 -3.11 26.15
CA GLY B 110 -11.40 -3.37 26.42
C GLY B 110 -10.94 -4.82 26.50
N PHE B 111 -11.72 -5.75 25.92
CA PHE B 111 -11.46 -7.19 26.14
C PHE B 111 -11.41 -7.59 27.61
N THR B 112 -12.12 -6.87 28.47
CA THR B 112 -11.99 -7.02 29.91
C THR B 112 -13.36 -7.09 30.55
N GLU B 113 -14.31 -6.42 29.90
CA GLU B 113 -15.69 -6.35 30.36
C GLU B 113 -16.59 -6.32 29.14
N GLY B 114 -17.88 -6.59 29.30
CA GLY B 114 -18.82 -6.45 28.21
C GLY B 114 -20.02 -7.33 28.35
N THR B 115 -21.10 -6.98 27.66
CA THR B 115 -22.37 -7.71 27.68
C THR B 115 -23.11 -7.30 26.44
N SER B 116 -24.14 -8.08 26.07
CA SER B 116 -24.99 -7.80 24.93
C SER B 116 -26.39 -7.42 25.32
N GLY B 117 -26.60 -7.17 26.61
CA GLY B 117 -27.92 -6.99 27.18
C GLY B 117 -28.45 -5.63 26.79
N THR B 118 -29.76 -5.51 26.79
CA THR B 118 -30.36 -4.29 26.25
C THR B 118 -30.35 -3.13 27.25
N GLU B 119 -29.67 -3.34 28.39
CA GLU B 119 -29.38 -2.25 29.33
C GLU B 119 -28.19 -1.37 28.87
N LEU B 120 -27.46 -1.83 27.86
CA LEU B 120 -26.45 -1.01 27.20
C LEU B 120 -26.79 -0.90 25.73
N TYR B 121 -27.18 -2.03 25.12
CA TYR B 121 -27.31 -2.10 23.66
C TYR B 121 -28.69 -2.60 23.27
N GLY B 122 -29.70 -1.78 23.56
CA GLY B 122 -31.08 -2.11 23.24
C GLY B 122 -31.31 -1.90 21.77
N PRO B 123 -32.16 -2.75 21.15
CA PRO B 123 -32.51 -2.69 19.73
C PRO B 123 -33.55 -1.66 19.32
N ASP B 124 -34.12 -0.98 20.30
CA ASP B 124 -35.28 -0.13 20.07
C ASP B 124 -35.15 0.93 18.94
N PHE B 125 -33.95 1.52 18.75
CA PHE B 125 -33.73 2.56 17.72
C PHE B 125 -33.38 1.99 16.31
N LEU B 126 -32.48 1.02 16.27
CA LEU B 126 -32.07 0.40 15.00
C LEU B 126 -33.15 -0.45 14.36
N VAL B 127 -33.90 -1.16 15.21
CA VAL B 127 -34.93 -2.10 14.79
C VAL B 127 -36.14 -1.42 14.15
N GLN B 128 -36.15 -0.09 14.17
CA GLN B 128 -37.13 0.67 13.40
C GLN B 128 -36.81 0.71 11.90
N LYS B 129 -35.75 0.01 11.47
CA LYS B 129 -35.36 0.03 10.07
C LYS B 129 -35.31 -1.40 9.56
N ASP B 130 -35.40 -1.57 8.25
CA ASP B 130 -35.70 -2.88 7.71
C ASP B 130 -34.52 -3.84 7.74
N ILE B 131 -34.11 -4.22 8.96
CA ILE B 131 -32.97 -5.12 9.14
C ILE B 131 -33.19 -6.22 10.17
N VAL B 132 -32.19 -7.08 10.36
CA VAL B 132 -32.17 -8.03 11.46
C VAL B 132 -30.99 -7.74 12.36
N LEU B 133 -31.26 -7.06 13.44
CA LEU B 133 -30.20 -6.74 14.37
C LEU B 133 -29.78 -7.99 15.15
N VAL B 134 -28.47 -8.22 15.31
CA VAL B 134 -27.96 -9.36 16.09
C VAL B 134 -26.82 -8.94 17.01
N SER B 135 -26.85 -9.41 18.27
CA SER B 135 -25.75 -9.25 19.25
C SER B 135 -25.41 -10.58 19.92
N PHE B 136 -24.39 -10.62 20.77
CA PHE B 136 -23.98 -11.89 21.40
C PHE B 136 -22.85 -11.68 22.40
N ASN B 137 -22.66 -12.65 23.30
CA ASN B 137 -21.60 -12.57 24.29
C ASN B 137 -20.36 -13.37 23.93
N TYR B 138 -19.22 -12.83 24.30
CA TYR B 138 -17.96 -13.49 24.09
C TYR B 138 -17.09 -13.17 25.29
N ARG B 139 -16.25 -14.12 25.62
CA ARG B 139 -15.47 -14.06 26.82
C ARG B 139 -14.49 -12.91 26.85
N ILE B 140 -14.34 -12.33 28.01
CA ILE B 140 -13.49 -11.21 28.19
C ILE B 140 -12.63 -11.54 29.42
N GLY B 141 -11.55 -10.81 29.60
CA GLY B 141 -10.62 -11.08 30.69
C GLY B 141 -9.73 -12.29 30.42
N ALA B 142 -9.39 -12.98 31.49
CA ALA B 142 -8.55 -14.14 31.37
C ALA B 142 -9.39 -15.28 30.78
N LEU B 143 -10.66 -15.32 31.09
CA LEU B 143 -11.48 -16.43 30.64
C LEU B 143 -11.60 -16.47 29.12
N GLY B 144 -11.31 -15.34 28.48
CA GLY B 144 -11.40 -15.24 27.03
C GLY B 144 -10.07 -15.09 26.28
N PHE B 145 -8.97 -14.87 26.99
CA PHE B 145 -7.74 -14.41 26.37
C PHE B 145 -6.53 -14.83 27.16
N LEU B 146 -6.71 -15.85 28.00
CA LEU B 146 -5.60 -16.54 28.63
C LEU B 146 -4.86 -17.25 27.54
N CYS B 147 -3.57 -17.45 27.77
CA CYS B 147 -2.71 -18.02 26.76
C CYS B 147 -1.51 -18.78 27.35
N CYS B 148 -1.49 -20.10 27.16
CA CYS B 148 -0.36 -20.94 27.63
C CYS B 148 0.41 -21.47 26.48
N GLN B 149 1.73 -21.31 26.52
CA GLN B 149 2.54 -21.60 25.36
C GLN B 149 2.59 -23.08 24.93
N SER B 150 2.58 -24.04 25.86
CA SER B 150 2.75 -25.45 25.45
C SER B 150 1.47 -26.01 24.84
N GLU B 151 1.66 -26.76 23.76
CA GLU B 151 0.53 -27.23 22.99
C GLU B 151 -0.27 -28.25 23.78
N GLN B 152 0.42 -28.80 24.79
CA GLN B 152 -0.11 -29.76 25.75
C GLN B 152 -1.36 -29.22 26.49
N ASP B 153 -1.41 -27.91 26.69
CA ASP B 153 -2.41 -27.31 27.55
C ASP B 153 -3.62 -26.84 26.76
N GLY B 154 -3.46 -26.73 25.44
CA GLY B 154 -4.60 -26.47 24.57
C GLY B 154 -5.27 -25.13 24.70
N VAL B 155 -4.54 -24.17 25.27
CA VAL B 155 -5.02 -22.81 25.50
C VAL B 155 -4.06 -21.86 24.76
N PRO B 156 -4.26 -21.65 23.44
CA PRO B 156 -3.41 -20.79 22.60
C PRO B 156 -3.63 -19.23 22.70
N GLY B 157 -4.77 -18.80 23.27
CA GLY B 157 -5.13 -17.39 23.26
C GLY B 157 -6.38 -17.16 22.43
N ASN B 158 -6.83 -15.91 22.43
CA ASN B 158 -7.95 -15.46 21.62
C ASN B 158 -9.21 -16.34 21.62
N ALA B 159 -9.49 -17.00 22.74
CA ALA B 159 -10.77 -17.73 22.85
C ALA B 159 -11.98 -16.86 22.53
N GLY B 160 -11.97 -15.65 23.05
CA GLY B 160 -13.08 -14.76 22.86
C GLY B 160 -13.23 -14.16 21.46
N LEU B 161 -12.14 -14.14 20.69
CA LEU B 161 -12.22 -13.83 19.28
C LEU B 161 -12.80 -15.01 18.52
N LYS B 162 -12.42 -16.25 18.94
CA LYS B 162 -12.94 -17.50 18.37
C LYS B 162 -14.42 -17.64 18.67
N ASP B 163 -14.80 -17.33 19.91
CA ASP B 163 -16.22 -17.22 20.24
C ASP B 163 -16.92 -16.42 19.16
N GLN B 164 -16.50 -15.18 18.96
CA GLN B 164 -17.00 -14.32 17.86
C GLN B 164 -17.04 -14.95 16.42
N ASN B 165 -15.96 -15.62 16.01
CA ASN B 165 -15.95 -16.29 14.72
C ASN B 165 -17.05 -17.33 14.63
N LEU B 166 -17.22 -18.11 15.69
CA LEU B 166 -18.21 -19.19 15.70
C LEU B 166 -19.62 -18.57 15.67
N ALA B 167 -19.71 -17.37 16.22
CA ALA B 167 -20.96 -16.64 16.22
C ALA B 167 -21.26 -16.14 14.85
N ILE B 168 -20.24 -15.64 14.14
CA ILE B 168 -20.47 -15.14 12.79
C ILE B 168 -20.96 -16.35 11.98
N ARG B 169 -20.38 -17.52 12.26
CA ARG B 169 -20.75 -18.78 11.60
C ARG B 169 -22.17 -19.21 11.95
N TRP B 170 -22.54 -19.03 13.22
CA TRP B 170 -23.91 -19.21 13.63
C TRP B 170 -24.84 -18.40 12.75
N VAL B 171 -24.56 -17.11 12.56
CA VAL B 171 -25.51 -16.26 11.81
C VAL B 171 -25.61 -16.70 10.35
N LEU B 172 -24.56 -17.35 9.87
CA LEU B 172 -24.43 -17.65 8.44
C LEU B 172 -25.24 -18.93 8.14
N GLU B 173 -25.24 -19.85 9.09
CA GLU B 173 -26.18 -20.96 9.05
C GLU B 173 -27.58 -20.43 9.38
N ASN B 174 -27.76 -19.96 10.62
CA ASN B 174 -29.07 -19.88 11.26
C ASN B 174 -29.95 -18.64 11.00
N ILE B 175 -29.43 -17.53 10.46
CA ILE B 175 -30.27 -16.35 10.33
C ILE B 175 -31.24 -16.40 9.16
N ALA B 176 -31.22 -17.45 8.36
CA ALA B 176 -32.27 -17.59 7.35
C ALA B 176 -33.63 -17.86 8.03
N ALA B 177 -33.54 -18.53 9.18
CA ALA B 177 -34.68 -18.98 9.99
C ALA B 177 -35.36 -17.88 10.83
N PHE B 178 -34.72 -16.73 10.90
CA PHE B 178 -35.30 -15.57 11.55
C PHE B 178 -35.59 -14.49 10.52
N GLY B 179 -35.42 -14.81 9.24
CA GLY B 179 -35.78 -13.86 8.20
C GLY B 179 -34.64 -12.98 7.67
N GLY B 180 -33.43 -13.29 8.10
CA GLY B 180 -32.25 -12.64 7.55
C GLY B 180 -31.75 -13.33 6.29
N ASP B 181 -30.80 -12.68 5.61
CA ASP B 181 -30.04 -13.27 4.51
C ASP B 181 -28.62 -13.42 5.04
N PRO B 182 -28.02 -14.63 4.98
CA PRO B 182 -26.66 -14.72 5.51
C PRO B 182 -25.57 -14.28 4.51
N LYS B 183 -25.97 -13.83 3.33
CA LYS B 183 -25.01 -13.37 2.32
C LYS B 183 -25.10 -11.84 2.19
N ARG B 184 -25.66 -11.21 3.23
CA ARG B 184 -25.73 -9.75 3.37
C ARG B 184 -25.48 -9.33 4.82
N VAL B 185 -24.42 -9.84 5.43
CA VAL B 185 -24.05 -9.45 6.78
C VAL B 185 -23.12 -8.24 6.77
N THR B 186 -23.34 -7.34 7.72
CA THR B 186 -22.51 -6.17 7.93
C THR B 186 -22.01 -6.29 9.33
N LEU B 187 -20.72 -6.57 9.47
CA LEU B 187 -20.13 -6.78 10.79
C LEU B 187 -19.80 -5.45 11.45
N VAL B 188 -20.43 -5.15 12.58
CA VAL B 188 -20.32 -3.87 13.23
C VAL B 188 -19.76 -4.01 14.60
N GLY B 189 -18.86 -3.10 14.97
CA GLY B 189 -18.25 -3.16 16.28
C GLY B 189 -17.75 -1.82 16.80
N HIS B 190 -17.47 -1.74 18.10
CA HIS B 190 -17.16 -0.48 18.80
C HIS B 190 -16.08 -0.69 19.85
N SER B 191 -15.07 0.20 19.82
CA SER B 191 -13.96 0.15 20.77
C SER B 191 -13.24 -1.19 20.60
N ALA B 192 -13.14 -2.00 21.65
CA ALA B 192 -12.55 -3.30 21.50
C ALA B 192 -13.26 -4.12 20.45
N GLY B 193 -14.55 -3.85 20.25
CA GLY B 193 -15.30 -4.58 19.29
C GLY B 193 -15.05 -4.13 17.86
N ALA B 194 -14.43 -2.96 17.70
CA ALA B 194 -14.08 -2.44 16.36
C ALA B 194 -12.70 -2.98 15.95
N ALA B 195 -11.81 -3.10 16.91
CA ALA B 195 -10.55 -3.76 16.72
C ALA B 195 -10.86 -5.22 16.38
N SER B 196 -11.81 -5.81 17.12
CA SER B 196 -12.34 -7.16 16.82
C SER B 196 -12.92 -7.22 15.40
N VAL B 197 -13.69 -6.24 14.96
CA VAL B 197 -14.14 -6.30 13.57
C VAL B 197 -12.98 -6.24 12.59
N GLN B 198 -11.90 -5.53 12.96
CA GLN B 198 -10.75 -5.43 12.08
C GLN B 198 -9.78 -6.65 12.20
N TYR B 199 -9.62 -7.26 13.38
CA TYR B 199 -9.07 -8.65 13.44
C TYR B 199 -9.78 -9.66 12.52
N HIS B 200 -11.08 -9.54 12.31
CA HIS B 200 -11.75 -10.45 11.44
C HIS B 200 -11.50 -10.08 10.02
N LEU B 201 -11.48 -8.79 9.73
CA LEU B 201 -11.13 -8.37 8.38
C LEU B 201 -9.76 -8.87 7.91
N ILE B 202 -8.87 -9.18 8.85
CA ILE B 202 -7.50 -9.52 8.48
C ILE B 202 -7.05 -10.97 8.73
N SER B 203 -7.83 -11.67 9.54
CA SER B 203 -7.53 -13.03 9.95
C SER B 203 -8.13 -13.89 8.89
N ASP B 204 -7.32 -14.79 8.33
CA ASP B 204 -7.84 -15.72 7.34
C ASP B 204 -8.96 -16.60 7.97
N ALA B 205 -8.90 -16.86 9.28
CA ALA B 205 -10.01 -17.50 10.03
C ALA B 205 -11.41 -17.01 9.69
N SER B 206 -11.57 -15.75 9.31
CA SER B 206 -12.92 -15.23 9.12
C SER B 206 -13.24 -14.91 7.71
N LYS B 207 -12.36 -15.33 6.79
CA LYS B 207 -12.48 -15.04 5.37
C LYS B 207 -13.90 -15.16 4.77
N ASP B 208 -14.33 -14.10 4.09
CA ASP B 208 -15.64 -14.04 3.45
C ASP B 208 -16.89 -14.47 4.27
N LEU B 209 -16.79 -14.51 5.61
CA LEU B 209 -17.96 -14.75 6.47
C LEU B 209 -18.95 -13.57 6.42
N PHE B 210 -18.50 -12.37 6.01
CA PHE B 210 -19.41 -11.23 5.83
C PHE B 210 -19.03 -10.39 4.62
N GLN B 211 -19.91 -9.46 4.30
CA GLN B 211 -19.85 -8.70 3.06
C GLN B 211 -19.54 -7.20 3.25
N ARG B 212 -19.73 -6.68 4.47
CA ARG B 212 -19.39 -5.28 4.81
C ARG B 212 -19.01 -5.15 6.29
N ALA B 213 -18.41 -4.00 6.65
CA ALA B 213 -18.12 -3.76 8.06
C ALA B 213 -18.25 -2.30 8.43
N ILE B 214 -18.62 -2.08 9.69
CA ILE B 214 -18.53 -0.77 10.29
C ILE B 214 -17.63 -0.83 11.48
N VAL B 215 -16.55 -0.04 11.41
CA VAL B 215 -15.55 0.01 12.47
C VAL B 215 -15.63 1.30 13.28
N MET B 216 -15.95 1.16 14.56
CA MET B 216 -16.27 2.30 15.44
C MET B 216 -15.29 2.47 16.62
N SER B 217 -14.38 3.42 16.42
CA SER B 217 -13.51 3.91 17.47
C SER B 217 -12.60 2.83 17.99
N GLY B 218 -12.03 2.08 17.06
CA GLY B 218 -11.11 1.04 17.43
C GLY B 218 -10.41 0.46 16.23
N SER B 219 -9.20 -0.03 16.45
CA SER B 219 -8.42 -0.59 15.36
C SER B 219 -7.31 -1.47 15.81
N THR B 220 -6.88 -2.34 14.91
CA THR B 220 -5.70 -3.18 15.16
C THR B 220 -4.41 -2.38 15.16
N TYR B 221 -4.46 -1.23 14.51
CA TYR B 221 -3.40 -0.24 14.62
C TYR B 221 -3.44 0.51 15.98
N ASN B 222 -4.46 0.35 16.82
CA ASN B 222 -4.38 0.89 18.19
C ASN B 222 -3.52 -0.04 19.06
N SER B 223 -2.50 0.49 19.69
CA SER B 223 -1.63 -0.35 20.50
C SER B 223 -2.31 -1.17 21.62
N TRP B 224 -3.48 -0.77 22.12
CA TRP B 224 -4.15 -1.53 23.20
C TRP B 224 -4.86 -2.76 22.66
N SER B 225 -4.88 -2.90 21.34
CA SER B 225 -5.63 -3.96 20.70
C SER B 225 -4.84 -5.26 20.60
N LEU B 226 -3.63 -5.28 21.16
CA LEU B 226 -2.81 -6.47 21.12
C LEU B 226 -1.88 -6.51 22.34
N THR B 227 -1.84 -7.70 22.94
CA THR B 227 -1.12 -8.01 24.19
C THR B 227 0.17 -8.85 24.04
N ARG B 228 1.24 -8.41 24.68
CA ARG B 228 2.44 -9.18 24.78
C ARG B 228 2.26 -10.05 26.00
N GLN B 229 2.74 -11.30 25.95
CA GLN B 229 2.71 -12.17 27.11
C GLN B 229 3.92 -11.84 27.94
N ARG B 230 3.70 -11.79 29.24
CA ARG B 230 4.78 -11.59 30.20
C ARG B 230 4.43 -12.45 31.43
N ASN B 231 4.29 -13.76 31.23
CA ASN B 231 4.00 -14.71 32.32
C ASN B 231 2.74 -14.43 33.10
N TRP B 232 1.62 -14.19 32.42
CA TRP B 232 0.37 -13.81 33.06
C TRP B 232 -0.38 -14.96 33.71
N VAL B 233 -0.17 -16.18 33.24
CA VAL B 233 -0.97 -17.29 33.74
C VAL B 233 -0.45 -17.63 35.12
N GLU B 234 0.86 -17.78 35.23
CA GLU B 234 1.51 -18.16 36.49
C GLU B 234 1.34 -17.04 37.52
N LYS B 235 1.41 -15.79 37.05
CA LYS B 235 1.14 -14.61 37.88
C LYS B 235 -0.30 -14.53 38.39
N LEU B 236 -1.26 -14.74 37.49
CA LEU B 236 -2.67 -14.61 37.86
C LEU B 236 -2.95 -15.62 38.95
N ALA B 237 -2.23 -16.73 38.89
CA ALA B 237 -2.50 -17.83 39.79
C ALA B 237 -2.03 -17.54 41.23
N LYS B 238 -0.88 -16.89 41.38
CA LYS B 238 -0.37 -16.57 42.71
C LYS B 238 -1.21 -15.53 43.46
N ALA B 239 -1.79 -14.58 42.73
CA ALA B 239 -2.69 -13.62 43.33
C ALA B 239 -3.84 -14.40 43.94
N ILE B 240 -4.40 -15.33 43.16
CA ILE B 240 -5.47 -16.23 43.61
C ILE B 240 -5.02 -17.21 44.71
N GLY B 241 -3.73 -17.54 44.78
CA GLY B 241 -3.18 -18.38 45.85
C GLY B 241 -2.69 -19.79 45.50
N TRP B 242 -1.79 -19.88 44.51
CA TRP B 242 -1.33 -21.16 43.97
C TRP B 242 0.04 -21.47 44.57
N ASP B 243 0.34 -22.75 44.78
CA ASP B 243 1.51 -23.10 45.58
C ASP B 243 2.83 -22.92 44.81
N GLY B 244 2.75 -22.45 43.57
CA GLY B 244 3.95 -22.23 42.77
C GLY B 244 4.44 -23.47 42.04
N GLN B 245 3.75 -24.58 42.24
CA GLN B 245 4.30 -25.86 41.82
C GLN B 245 3.70 -26.37 40.51
N GLY B 246 4.56 -26.48 39.50
CA GLY B 246 4.18 -27.05 38.22
C GLY B 246 4.35 -26.13 37.02
N GLY B 247 5.29 -25.18 37.12
CA GLY B 247 5.51 -24.20 36.07
C GLY B 247 4.22 -23.51 35.68
N GLU B 248 4.08 -23.14 34.41
CA GLU B 248 2.84 -22.52 33.95
C GLU B 248 1.72 -23.56 33.83
N SER B 249 2.06 -24.79 33.48
CA SER B 249 1.07 -25.83 33.26
C SER B 249 0.33 -26.12 34.57
N GLY B 250 1.06 -26.09 35.67
CA GLY B 250 0.47 -26.27 36.99
C GLY B 250 -0.35 -25.07 37.37
N ALA B 251 0.07 -23.91 36.87
CA ALA B 251 -0.70 -22.71 37.08
C ALA B 251 -1.99 -22.76 36.26
N LEU B 252 -1.98 -23.32 35.06
CA LEU B 252 -3.23 -23.42 34.31
C LEU B 252 -4.19 -24.34 35.03
N ARG B 253 -3.66 -25.44 35.55
CA ARG B 253 -4.53 -26.45 36.13
C ARG B 253 -5.20 -25.89 37.40
N PHE B 254 -4.43 -25.15 38.18
CA PHE B 254 -4.96 -24.44 39.36
C PHE B 254 -6.03 -23.40 39.05
N LEU B 255 -5.99 -22.80 37.85
CA LEU B 255 -7.00 -21.81 37.47
C LEU B 255 -8.29 -22.49 36.97
N LYS B 256 -8.21 -23.69 36.38
CA LYS B 256 -9.43 -24.35 35.90
C LYS B 256 -10.25 -24.76 37.12
N ALA B 257 -9.60 -24.77 38.28
CA ALA B 257 -10.25 -25.14 39.53
C ALA B 257 -10.93 -23.97 40.19
N ALA B 258 -10.19 -22.87 40.33
CA ALA B 258 -10.69 -21.73 41.10
C ALA B 258 -12.03 -21.21 40.57
N LYS B 259 -12.73 -20.40 41.37
CA LYS B 259 -14.05 -19.86 41.01
C LYS B 259 -13.87 -18.68 40.04
N PRO B 260 -14.75 -18.57 39.03
CA PRO B 260 -14.72 -17.46 38.08
C PRO B 260 -14.46 -16.10 38.74
N GLU B 261 -15.10 -15.88 39.87
CA GLU B 261 -15.08 -14.60 40.53
C GLU B 261 -13.69 -14.25 41.09
N ASP B 262 -12.87 -15.24 41.46
CA ASP B 262 -11.52 -14.97 41.96
C ASP B 262 -10.58 -14.65 40.79
N ILE B 263 -10.99 -15.05 39.59
CA ILE B 263 -10.26 -14.71 38.40
C ILE B 263 -10.57 -13.24 38.04
N VAL B 264 -11.79 -12.97 37.60
CA VAL B 264 -12.32 -11.60 37.38
C VAL B 264 -11.76 -10.56 38.37
N ALA B 265 -11.83 -10.93 39.64
CA ALA B 265 -11.37 -10.10 40.72
C ALA B 265 -9.86 -9.85 40.73
N ASN B 266 -9.06 -10.80 40.26
CA ASN B 266 -7.61 -10.62 40.21
C ASN B 266 -7.10 -10.27 38.83
N GLN B 267 -7.93 -10.45 37.80
CA GLN B 267 -7.57 -10.16 36.39
C GLN B 267 -6.71 -8.92 36.21
N GLU B 268 -7.24 -7.82 36.72
CA GLU B 268 -6.63 -6.52 36.51
C GLU B 268 -5.82 -6.13 37.75
N LYS B 269 -6.12 -6.82 38.85
CA LYS B 269 -5.87 -6.30 40.19
C LYS B 269 -4.44 -5.86 40.41
N LEU B 270 -3.52 -6.82 40.39
CA LEU B 270 -2.14 -6.55 40.80
C LEU B 270 -1.22 -7.04 39.72
N LEU B 271 -1.80 -7.52 38.62
CA LEU B 271 -0.98 -8.15 37.58
C LEU B 271 -0.10 -7.13 36.87
N THR B 272 -0.61 -5.95 36.60
CA THR B 272 0.18 -4.96 35.88
C THR B 272 1.17 -4.24 36.82
N ASP B 273 2.43 -4.22 36.43
CA ASP B 273 3.47 -3.48 37.14
C ASP B 273 3.91 -2.27 36.35
N GLN B 274 4.73 -1.43 36.98
CA GLN B 274 5.42 -0.42 36.22
C GLN B 274 6.24 -1.15 35.18
N ASP B 275 6.70 -0.39 34.21
CA ASP B 275 7.11 -0.89 32.89
C ASP B 275 5.84 -1.33 32.16
N MET B 276 4.69 -0.84 32.62
CA MET B 276 3.51 -0.66 31.76
C MET B 276 3.67 0.68 31.01
N GLN B 277 4.80 1.33 31.28
CA GLN B 277 5.36 2.34 30.39
C GLN B 277 5.71 1.72 29.05
N ASP B 278 5.52 0.40 28.97
CA ASP B 278 5.60 -0.33 27.73
C ASP B 278 4.19 -0.55 27.17
N ASP B 279 3.27 0.26 27.68
CA ASP B 279 1.93 0.43 27.08
C ASP B 279 1.03 -0.78 27.25
N ILE B 280 1.30 -1.61 28.25
CA ILE B 280 0.42 -2.72 28.50
C ILE B 280 -0.87 -2.21 29.18
N PHE B 281 -1.91 -2.20 28.35
CA PHE B 281 -3.28 -1.80 28.70
C PHE B 281 -3.90 -2.85 29.66
N THR B 282 -4.19 -4.06 29.15
CA THR B 282 -4.67 -5.17 29.98
C THR B 282 -3.73 -6.37 29.79
N PRO B 283 -3.49 -7.17 30.85
CA PRO B 283 -2.70 -8.40 30.72
C PRO B 283 -3.35 -9.44 29.83
N PHE B 284 -4.66 -9.36 29.69
CA PHE B 284 -5.41 -10.34 28.93
C PHE B 284 -6.19 -9.67 27.82
N GLY B 285 -5.75 -9.93 26.60
CA GLY B 285 -6.48 -9.52 25.43
C GLY B 285 -5.87 -10.30 24.27
N PRO B 286 -6.21 -9.91 23.01
CA PRO B 286 -5.68 -10.47 21.78
C PRO B 286 -4.22 -10.59 21.81
N THR B 287 -3.74 -11.68 21.24
CA THR B 287 -2.33 -11.99 21.28
C THR B 287 -1.96 -12.82 20.07
N VAL B 288 -0.67 -12.84 19.75
CA VAL B 288 -0.20 -13.68 18.69
C VAL B 288 -0.10 -15.10 19.25
N GLU B 289 -0.84 -16.04 18.68
CA GLU B 289 -0.95 -17.35 19.31
C GLU B 289 0.38 -18.07 19.12
N PRO B 290 0.88 -18.77 20.16
CA PRO B 290 2.24 -19.34 20.19
C PRO B 290 2.48 -20.57 19.29
N TYR B 291 1.40 -21.25 18.92
CA TYR B 291 1.46 -22.33 17.97
C TYR B 291 0.17 -22.32 17.20
N LEU B 292 0.00 -23.15 16.18
CA LEU B 292 -1.25 -23.11 15.40
C LEU B 292 -2.23 -24.18 15.77
N THR B 293 -3.47 -23.97 15.30
CA THR B 293 -4.62 -24.85 15.52
C THR B 293 -5.67 -24.54 14.41
N GLU B 294 -6.76 -25.27 14.36
CA GLU B 294 -7.69 -25.10 13.26
C GLU B 294 -8.47 -23.80 13.36
N GLN B 295 -8.53 -23.25 14.58
CA GLN B 295 -9.40 -22.11 14.88
C GLN B 295 -8.68 -20.77 15.03
N CYS B 296 -7.36 -20.86 14.94
CA CYS B 296 -6.42 -19.79 15.16
C CYS B 296 -6.84 -18.46 14.59
N MET B 297 -6.98 -17.41 15.43
CA MET B 297 -7.36 -16.12 14.88
C MET B 297 -6.16 -15.34 14.40
N ILE B 298 -5.07 -15.44 15.14
CA ILE B 298 -3.92 -14.59 14.93
C ILE B 298 -2.64 -15.45 14.86
N PRO B 299 -2.37 -16.02 13.67
CA PRO B 299 -1.19 -16.86 13.41
C PRO B 299 0.13 -16.14 13.55
N LYS B 300 0.12 -14.86 13.21
CA LYS B 300 1.30 -14.00 13.21
C LYS B 300 0.89 -12.55 13.59
N GLU B 301 1.90 -11.69 13.79
CA GLU B 301 1.71 -10.30 14.12
C GLU B 301 0.63 -9.62 13.26
N PRO B 302 -0.34 -8.94 13.92
CA PRO B 302 -1.42 -8.41 13.10
C PRO B 302 -0.98 -7.39 12.06
N PHE B 303 0.12 -6.68 12.29
CA PHE B 303 0.62 -5.72 11.32
C PHE B 303 0.81 -6.38 9.95
N GLU B 304 1.46 -7.55 9.97
CA GLU B 304 1.74 -8.33 8.78
C GLU B 304 0.49 -8.96 8.18
N MET B 305 -0.50 -9.27 9.01
CA MET B 305 -1.77 -9.82 8.51
C MET B 305 -2.59 -8.77 7.79
N ALA B 306 -2.47 -7.52 8.22
CA ALA B 306 -3.25 -6.46 7.57
C ALA B 306 -2.79 -6.20 6.12
N ARG B 307 -1.53 -6.56 5.85
CA ARG B 307 -0.96 -6.50 4.49
C ARG B 307 -1.61 -7.46 3.49
N THR B 308 -1.93 -8.67 3.94
CA THR B 308 -2.49 -9.71 3.08
C THR B 308 -3.93 -10.02 3.50
N ALA B 309 -4.71 -8.96 3.68
CA ALA B 309 -5.99 -9.10 4.30
C ALA B 309 -7.13 -9.23 3.31
N TRP B 310 -7.87 -10.30 3.51
CA TRP B 310 -9.02 -10.55 2.69
C TRP B 310 -9.97 -9.37 2.81
N GLY B 311 -10.05 -8.82 4.03
CA GLY B 311 -10.91 -7.70 4.26
C GLY B 311 -10.73 -6.50 3.31
N ASP B 312 -9.55 -6.33 2.73
CA ASP B 312 -9.26 -5.17 1.90
C ASP B 312 -10.16 -5.20 0.63
N LYS B 313 -10.80 -6.35 0.40
CA LYS B 313 -11.74 -6.50 -0.72
C LYS B 313 -13.18 -6.11 -0.41
N ILE B 314 -13.56 -5.94 0.85
CA ILE B 314 -14.93 -5.49 1.16
C ILE B 314 -15.02 -4.00 1.60
N ASP B 315 -16.17 -3.42 1.28
CA ASP B 315 -16.54 -2.09 1.72
C ASP B 315 -16.65 -1.94 3.22
N ILE B 316 -16.14 -0.81 3.72
CA ILE B 316 -16.35 -0.49 5.10
C ILE B 316 -16.68 0.95 5.32
N MET B 317 -17.24 1.15 6.50
CA MET B 317 -17.42 2.43 7.05
C MET B 317 -16.53 2.43 8.31
N ILE B 318 -15.84 3.53 8.54
CA ILE B 318 -14.94 3.62 9.69
C ILE B 318 -15.08 5.02 10.28
N GLY B 319 -14.94 5.13 11.59
CA GLY B 319 -14.99 6.44 12.21
C GLY B 319 -14.93 6.46 13.72
N GLY B 320 -14.95 7.68 14.27
CA GLY B 320 -14.94 7.94 15.72
C GLY B 320 -15.45 9.33 16.05
N THR B 321 -15.30 9.74 17.32
CA THR B 321 -15.80 11.07 17.76
C THR B 321 -14.74 12.18 17.89
N SER B 322 -15.21 13.41 18.17
CA SER B 322 -14.32 14.57 18.19
C SER B 322 -13.62 14.75 19.51
N GLU B 323 -14.10 14.13 20.59
CA GLU B 323 -13.36 14.17 21.83
C GLU B 323 -13.30 12.81 22.53
N GLU B 324 -12.91 11.76 21.77
CA GLU B 324 -12.69 10.40 22.32
C GLU B 324 -11.82 10.47 23.54
N GLY B 325 -10.79 11.32 23.49
CA GLY B 325 -9.92 11.57 24.63
C GLY B 325 -10.54 11.79 26.05
N LEU B 326 -11.71 12.42 26.11
CA LEU B 326 -12.49 12.58 27.36
C LEU B 326 -12.48 11.36 28.20
N LEU B 327 -12.62 10.20 27.58
CA LEU B 327 -12.54 8.92 28.28
C LEU B 327 -11.41 8.90 29.28
N LEU B 328 -10.25 9.40 28.86
CA LEU B 328 -9.06 9.33 29.71
C LEU B 328 -9.09 10.25 30.91
N LEU B 329 -10.16 11.01 31.10
CA LEU B 329 -10.35 11.81 32.31
C LEU B 329 -11.06 11.03 33.40
N GLN B 330 -11.38 9.77 33.12
CA GLN B 330 -11.96 8.86 34.11
C GLN B 330 -10.97 8.58 35.21
N LYS B 331 -9.75 8.31 34.75
CA LYS B 331 -8.59 8.11 35.61
C LYS B 331 -8.33 9.44 36.35
N ILE B 332 -8.19 10.55 35.62
CA ILE B 332 -7.72 11.83 36.19
C ILE B 332 -8.62 12.36 37.31
N LYS B 333 -9.86 11.87 37.39
CA LYS B 333 -10.72 12.19 38.52
C LYS B 333 -10.19 11.49 39.78
N LEU B 334 -9.53 10.34 39.57
CA LEU B 334 -8.85 9.59 40.62
C LEU B 334 -7.34 9.90 40.58
N GLN B 335 -6.76 10.32 41.72
CA GLN B 335 -5.39 10.81 41.71
C GLN B 335 -5.24 11.99 40.75
N PRO B 336 -6.03 13.06 40.96
CA PRO B 336 -5.82 14.27 40.16
C PRO B 336 -4.41 14.80 40.32
N GLU B 337 -4.11 15.95 39.71
CA GLU B 337 -2.74 16.44 39.57
C GLU B 337 -1.91 15.45 38.76
N LEU B 338 -2.56 14.54 38.03
CA LEU B 338 -1.86 13.77 37.02
C LEU B 338 -1.51 14.72 35.89
N LEU B 339 -2.27 15.78 35.72
CA LEU B 339 -1.93 16.70 34.66
C LEU B 339 -0.72 17.57 34.98
N SER B 340 -0.19 17.48 36.19
CA SER B 340 1.02 18.21 36.53
C SER B 340 2.19 17.24 36.59
N HIS B 341 1.90 15.96 36.29
CA HIS B 341 2.92 14.91 36.15
C HIS B 341 4.11 15.38 35.36
N PRO B 342 5.30 14.98 35.78
CA PRO B 342 6.44 15.42 35.00
C PRO B 342 6.51 14.65 33.70
N HIS B 343 5.72 13.57 33.62
CA HIS B 343 5.78 12.64 32.51
C HIS B 343 4.54 12.67 31.62
N LEU B 344 3.82 13.77 31.72
CA LEU B 344 2.60 13.95 31.00
C LEU B 344 2.87 13.92 29.48
N PHE B 345 3.96 14.58 29.03
CA PHE B 345 4.31 14.66 27.59
C PHE B 345 5.27 13.56 27.15
N LEU B 346 6.32 13.31 27.92
CA LEU B 346 7.21 12.17 27.67
C LEU B 346 6.51 10.79 27.74
N GLY B 347 5.50 10.67 28.57
CA GLY B 347 4.80 9.40 28.76
C GLY B 347 3.88 9.04 27.62
N ASN B 348 3.48 10.04 26.84
CA ASN B 348 2.66 9.80 25.68
C ASN B 348 3.44 9.82 24.39
N VAL B 349 4.77 9.85 24.42
CA VAL B 349 5.47 9.46 23.23
C VAL B 349 5.29 7.94 23.20
N PRO B 350 4.72 7.40 22.11
CA PRO B 350 4.35 5.97 22.17
C PRO B 350 5.55 5.07 22.32
N PRO B 351 5.54 4.17 23.29
CA PRO B 351 6.78 3.58 23.82
C PRO B 351 7.39 2.47 22.96
N ASN B 352 6.65 2.01 21.97
CA ASN B 352 7.07 0.87 21.19
C ASN B 352 7.92 1.26 20.01
N LEU B 353 7.88 2.54 19.66
CA LEU B 353 8.73 3.02 18.60
C LEU B 353 10.19 2.70 18.93
N LYS B 354 10.90 2.19 17.91
CA LYS B 354 12.35 1.97 18.04
C LYS B 354 12.99 3.29 17.76
N ILE B 355 13.14 4.07 18.82
CA ILE B 355 13.79 5.37 18.76
C ILE B 355 14.67 5.55 19.96
N SER B 356 15.59 6.48 19.82
CA SER B 356 16.50 6.74 20.93
C SER B 356 15.75 7.43 22.02
N MET B 357 16.46 7.77 23.07
CA MET B 357 15.94 8.60 24.11
C MET B 357 16.14 10.07 23.68
N GLU B 358 17.17 10.32 22.92
CA GLU B 358 17.29 11.65 22.31
C GLU B 358 16.07 12.02 21.46
N LYS B 359 15.61 11.10 20.63
CA LYS B 359 14.57 11.43 19.70
C LYS B 359 13.23 11.39 20.47
N ARG B 360 13.16 10.57 21.52
CA ARG B 360 11.98 10.53 22.34
C ARG B 360 11.73 11.85 23.06
N ILE B 361 12.76 12.38 23.71
CA ILE B 361 12.67 13.67 24.36
C ILE B 361 12.20 14.76 23.35
N GLU B 362 12.82 14.80 22.19
CA GLU B 362 12.48 15.70 21.11
C GLU B 362 11.00 15.58 20.65
N PHE B 363 10.38 14.44 20.93
CA PHE B 363 9.01 14.22 20.56
C PHE B 363 8.08 14.75 21.64
N ALA B 364 8.49 14.60 22.88
CA ALA B 364 7.72 15.05 24.01
C ALA B 364 7.59 16.57 23.93
N ALA B 365 8.63 17.22 23.46
CA ALA B 365 8.60 18.65 23.16
C ALA B 365 7.58 19.05 22.03
N LYS B 366 7.49 18.23 20.99
CA LYS B 366 6.54 18.37 19.89
C LYS B 366 5.11 18.24 20.41
N LEU B 367 4.91 17.30 21.33
CA LEU B 367 3.61 17.17 21.95
C LEU B 367 3.23 18.44 22.75
N LYS B 368 4.13 18.97 23.59
CA LYS B 368 3.81 20.13 24.38
C LYS B 368 3.41 21.26 23.43
N GLN B 369 4.26 21.52 22.42
CA GLN B 369 4.03 22.65 21.51
C GLN B 369 2.71 22.48 20.69
N ARG B 370 2.19 21.25 20.65
CA ARG B 370 1.08 20.91 19.80
C ARG B 370 -0.22 21.22 20.55
N TYR B 371 -0.22 20.87 21.83
CA TYR B 371 -1.45 20.75 22.60
C TYR B 371 -1.54 21.78 23.71
N TYR B 372 -0.39 22.35 24.05
CA TYR B 372 -0.29 23.33 25.13
C TYR B 372 0.88 24.29 24.90
N PRO B 373 0.91 24.92 23.74
CA PRO B 373 2.07 25.70 23.32
C PRO B 373 2.30 26.89 24.24
N ASP B 374 1.23 27.34 24.92
CA ASP B 374 1.39 28.31 25.97
C ASP B 374 0.28 28.29 26.98
N SER B 375 0.06 27.12 27.58
CA SER B 375 -0.83 27.02 28.71
C SER B 375 -0.43 25.76 29.39
N SER B 376 -0.97 25.53 30.58
CA SER B 376 -0.52 24.47 31.45
C SER B 376 -1.63 23.51 31.84
N PRO B 377 -1.34 22.22 31.80
CA PRO B 377 -2.51 21.35 31.97
C PRO B 377 -3.16 21.38 33.34
N SER B 378 -4.47 21.18 33.36
CA SER B 378 -5.24 21.01 34.59
C SER B 378 -6.61 20.50 34.20
N MET B 379 -7.46 20.24 35.19
CA MET B 379 -8.78 19.72 34.89
C MET B 379 -9.65 20.88 34.45
N GLU B 380 -9.11 22.09 34.51
CA GLU B 380 -9.78 23.25 33.90
C GLU B 380 -9.37 23.37 32.45
N ASN B 381 -8.06 23.29 32.20
CA ASN B 381 -7.49 23.41 30.87
C ASN B 381 -7.15 22.00 30.37
N ASN B 382 -8.16 21.30 29.84
CA ASN B 382 -8.10 19.85 29.65
C ASN B 382 -8.29 19.41 28.21
N LEU B 383 -8.65 20.35 27.33
CA LEU B 383 -8.95 20.05 25.93
C LEU B 383 -7.70 19.62 25.18
N GLY B 384 -6.57 20.22 25.55
CA GLY B 384 -5.31 19.90 24.95
C GLY B 384 -4.96 18.46 25.26
N TYR B 385 -5.30 18.02 26.46
CA TYR B 385 -5.04 16.66 26.87
C TYR B 385 -5.99 15.72 26.16
N VAL B 386 -7.29 15.98 26.28
CA VAL B 386 -8.33 15.29 25.54
C VAL B 386 -7.90 15.12 24.07
N HIS B 387 -7.51 16.20 23.40
CA HIS B 387 -7.01 16.07 22.02
C HIS B 387 -5.80 15.14 21.90
N MET B 388 -4.77 15.35 22.70
CA MET B 388 -3.62 14.44 22.73
C MET B 388 -4.04 12.96 22.80
N MET B 389 -4.89 12.61 23.75
CA MET B 389 -5.25 11.22 23.97
C MET B 389 -6.17 10.68 22.91
N SER B 390 -7.08 11.50 22.39
CA SER B 390 -7.85 11.15 21.21
C SER B 390 -6.97 10.69 20.10
N ASP B 391 -5.89 11.41 19.91
CA ASP B 391 -4.99 11.01 18.86
C ASP B 391 -4.18 9.76 19.23
N ARG B 392 -3.77 9.61 20.47
CA ARG B 392 -2.79 8.59 20.78
C ARG B 392 -3.54 7.29 20.77
N VAL B 393 -4.65 7.32 21.48
CA VAL B 393 -5.37 6.10 21.81
C VAL B 393 -6.40 5.68 20.75
N PHE B 394 -6.93 6.62 19.94
CA PHE B 394 -8.00 6.27 19.03
C PHE B 394 -7.77 6.67 17.56
N TRP B 395 -7.79 7.96 17.28
CA TRP B 395 -7.71 8.47 15.91
C TRP B 395 -6.43 8.21 15.13
N HIS B 396 -5.27 8.01 15.75
CA HIS B 396 -4.13 7.64 14.90
C HIS B 396 -4.34 6.26 14.29
N GLY B 397 -4.81 5.31 15.11
CA GLY B 397 -5.14 3.97 14.62
C GLY B 397 -6.14 3.94 13.43
N LEU B 398 -7.11 4.81 13.49
CA LEU B 398 -8.10 4.89 12.45
C LEU B 398 -7.52 5.56 11.22
N HIS B 399 -6.78 6.64 11.46
CA HIS B 399 -6.03 7.30 10.43
C HIS B 399 -5.14 6.31 9.66
N ARG B 400 -4.41 5.48 10.35
CA ARG B 400 -3.54 4.52 9.66
C ARG B 400 -4.31 3.49 8.86
N THR B 401 -5.43 3.02 9.42
CA THR B 401 -6.34 2.12 8.75
C THR B 401 -6.86 2.76 7.51
N ILE B 402 -7.16 4.03 7.59
CA ILE B 402 -7.70 4.74 6.43
C ILE B 402 -6.55 4.97 5.40
N LEU B 403 -5.30 5.14 5.84
CA LEU B 403 -4.23 5.28 4.85
C LEU B 403 -3.97 3.93 4.18
N ALA B 404 -3.95 2.90 4.99
CA ALA B 404 -3.74 1.57 4.49
C ALA B 404 -4.79 1.20 3.45
N ARG B 405 -6.06 1.53 3.67
CA ARG B 405 -7.11 1.20 2.73
C ARG B 405 -6.90 1.95 1.42
N ALA B 406 -6.50 3.20 1.52
CA ALA B 406 -6.24 3.99 0.32
C ALA B 406 -5.01 3.49 -0.48
N ALA B 407 -4.05 2.86 0.20
CA ALA B 407 -2.89 2.36 -0.49
C ALA B 407 -3.16 1.02 -1.13
N ARG B 408 -4.04 0.18 -0.55
CA ARG B 408 -4.11 -1.23 -1.00
C ARG B 408 -5.50 -1.87 -1.18
N SER B 409 -6.57 -1.15 -0.84
CA SER B 409 -7.92 -1.66 -1.06
C SER B 409 -8.49 -1.02 -2.28
N ARG B 410 -8.98 -1.81 -3.23
CA ARG B 410 -9.66 -1.18 -4.34
C ARG B 410 -11.18 -1.11 -4.08
N ALA B 411 -11.59 -1.44 -2.85
CA ALA B 411 -12.98 -1.28 -2.40
C ALA B 411 -13.28 0.16 -1.97
N ARG B 412 -14.43 0.32 -1.34
CA ARG B 412 -14.89 1.60 -0.81
C ARG B 412 -14.71 1.71 0.71
N THR B 413 -14.27 2.88 1.13
CA THR B 413 -14.03 3.13 2.51
C THR B 413 -14.73 4.43 2.82
N PHE B 414 -15.69 4.37 3.74
CA PHE B 414 -16.45 5.54 4.15
C PHE B 414 -15.98 6.00 5.52
N VAL B 415 -15.83 7.31 5.72
CA VAL B 415 -15.36 7.78 7.01
C VAL B 415 -16.32 8.74 7.68
N TYR B 416 -16.49 8.58 8.98
CA TYR B 416 -17.42 9.43 9.73
C TYR B 416 -16.76 10.02 10.96
N ARG B 417 -17.30 11.13 11.41
CA ARG B 417 -16.86 11.80 12.62
C ARG B 417 -18.09 12.33 13.35
N ILE B 418 -18.26 11.91 14.61
CA ILE B 418 -19.37 12.32 15.50
C ILE B 418 -19.03 13.45 16.49
N CYS B 419 -19.68 14.59 16.29
CA CYS B 419 -19.50 15.78 17.13
C CYS B 419 -20.71 16.10 18.02
N LEU B 420 -21.77 15.28 17.93
CA LEU B 420 -22.93 15.37 18.83
C LEU B 420 -22.58 15.51 20.32
N ASP B 421 -23.08 16.61 20.88
CA ASP B 421 -22.82 17.02 22.27
C ASP B 421 -24.07 17.54 22.99
N SER B 422 -24.70 16.69 23.81
CA SER B 422 -25.94 17.03 24.48
C SER B 422 -25.65 17.43 25.93
N GLU B 423 -26.48 18.30 26.52
CA GLU B 423 -26.40 18.54 27.98
C GLU B 423 -26.98 17.39 28.80
N PHE B 424 -27.73 16.45 28.20
CA PHE B 424 -28.37 15.33 28.96
C PHE B 424 -28.26 13.94 28.32
N TYR B 425 -28.09 13.90 27.00
CA TYR B 425 -28.22 12.62 26.32
C TYR B 425 -26.90 11.86 26.00
N ASN B 426 -25.76 12.52 26.18
CA ASN B 426 -24.49 11.85 26.00
C ASN B 426 -24.15 10.98 27.20
N HIS B 427 -24.68 9.78 27.22
CA HIS B 427 -24.75 9.06 28.46
C HIS B 427 -23.42 8.57 29.03
N TYR B 428 -22.50 8.09 28.21
CA TYR B 428 -21.24 7.61 28.77
C TYR B 428 -20.49 8.76 29.39
N ARG B 429 -20.40 9.86 28.65
CA ARG B 429 -19.74 11.06 29.15
C ARG B 429 -20.29 11.62 30.49
N ILE B 430 -21.61 11.69 30.62
CA ILE B 430 -22.24 12.24 31.82
C ILE B 430 -22.16 11.28 33.02
N MET B 431 -22.38 10.00 32.76
CA MET B 431 -22.54 9.04 33.84
C MET B 431 -21.33 8.17 34.19
N MET B 432 -20.24 8.27 33.42
CA MET B 432 -19.09 7.39 33.60
C MET B 432 -17.78 8.13 33.48
N ILE B 433 -17.82 9.37 33.03
CA ILE B 433 -16.64 10.19 33.01
C ILE B 433 -16.76 11.34 34.00
N ASP B 434 -17.67 12.30 33.74
CA ASP B 434 -17.79 13.53 34.55
C ASP B 434 -18.94 14.42 34.04
N PRO B 435 -19.89 14.77 34.93
CA PRO B 435 -21.04 15.54 34.45
C PRO B 435 -20.70 16.98 34.11
N LYS B 436 -19.55 17.40 34.59
CA LYS B 436 -19.06 18.73 34.37
C LYS B 436 -18.63 18.88 32.92
N LEU B 437 -18.15 17.77 32.37
CA LEU B 437 -17.53 17.81 31.06
C LEU B 437 -18.54 18.03 29.97
N ARG B 438 -17.96 18.27 28.81
CA ARG B 438 -18.68 18.50 27.60
C ARG B 438 -17.85 17.94 26.43
N GLY B 439 -18.54 17.72 25.32
CA GLY B 439 -17.96 17.19 24.10
C GLY B 439 -18.51 15.80 23.78
N THR B 440 -17.86 15.09 22.88
CA THR B 440 -18.30 13.78 22.50
C THR B 440 -17.26 12.77 22.86
N ALA B 441 -17.50 11.99 23.89
CA ALA B 441 -16.53 11.00 24.32
C ALA B 441 -16.69 9.66 23.63
N HIS B 442 -15.63 8.87 23.75
CA HIS B 442 -15.70 7.45 23.52
C HIS B 442 -17.02 6.95 24.04
N ALA B 443 -17.74 6.20 23.20
CA ALA B 443 -19.08 5.67 23.52
C ALA B 443 -20.20 6.69 23.67
N ASP B 444 -20.01 7.95 23.34
CA ASP B 444 -21.16 8.84 23.40
C ASP B 444 -22.06 8.55 22.23
N GLU B 445 -21.52 8.14 21.09
CA GLU B 445 -22.41 7.95 19.94
C GLU B 445 -23.39 6.81 20.19
N LEU B 446 -23.08 5.89 21.11
CA LEU B 446 -23.89 4.69 21.19
C LEU B 446 -25.29 5.07 21.65
N SER B 447 -25.37 6.10 22.50
CA SER B 447 -26.65 6.63 22.96
C SER B 447 -27.57 6.99 21.82
N TYR B 448 -26.99 7.22 20.64
CA TYR B 448 -27.80 7.63 19.48
C TYR B 448 -28.12 6.50 18.53
N LEU B 449 -27.72 5.28 18.92
CA LEU B 449 -27.98 4.07 18.12
C LEU B 449 -28.70 2.98 18.94
N PHE B 450 -28.43 2.95 20.24
CA PHE B 450 -28.92 1.92 21.13
C PHE B 450 -29.68 2.54 22.31
N SER B 451 -30.87 2.04 22.60
CA SER B 451 -31.51 2.36 23.86
C SER B 451 -30.68 1.75 24.97
N ASN B 452 -30.63 2.39 26.13
CA ASN B 452 -29.97 1.78 27.28
C ASN B 452 -30.88 1.80 28.49
N PHE B 453 -30.30 1.51 29.65
CA PHE B 453 -31.05 1.42 30.89
C PHE B 453 -31.63 2.76 31.30
N THR B 454 -31.26 3.84 30.62
CA THR B 454 -31.86 5.13 30.91
C THR B 454 -33.27 5.17 30.39
N GLN B 455 -33.52 4.42 29.32
CA GLN B 455 -34.80 4.42 28.63
C GLN B 455 -35.21 5.82 28.13
N GLN B 456 -34.25 6.72 28.02
CA GLN B 456 -34.53 8.06 27.54
C GLN B 456 -34.62 8.12 26.01
N VAL B 457 -35.55 8.94 25.52
CA VAL B 457 -35.65 9.25 24.10
C VAL B 457 -35.69 10.76 23.93
N PRO B 458 -34.82 11.30 23.07
CA PRO B 458 -34.84 12.76 23.05
C PRO B 458 -36.17 13.21 22.55
N GLY B 459 -36.59 14.41 22.92
CA GLY B 459 -37.85 14.93 22.42
C GLY B 459 -37.73 15.14 20.93
N LYS B 460 -38.78 14.76 20.19
CA LYS B 460 -38.71 14.71 18.74
C LYS B 460 -38.31 16.04 18.14
N GLU B 461 -38.41 17.11 18.94
CA GLU B 461 -38.07 18.47 18.49
C GLU B 461 -36.59 18.82 18.60
N THR B 462 -35.91 18.10 19.50
CA THR B 462 -34.53 18.34 19.87
C THR B 462 -33.55 17.98 18.74
N PHE B 463 -32.38 18.64 18.68
CA PHE B 463 -31.29 18.20 17.82
C PHE B 463 -30.80 16.80 18.20
N GLU B 464 -30.92 16.45 19.48
CA GLU B 464 -30.57 15.10 19.95
C GLU B 464 -31.36 14.06 19.14
N TYR B 465 -32.66 14.26 18.94
CA TYR B 465 -33.50 13.31 18.20
C TYR B 465 -33.08 13.24 16.74
N ARG B 466 -32.80 14.40 16.15
CA ARG B 466 -32.29 14.48 14.80
C ARG B 466 -30.92 13.76 14.61
N GLY B 467 -30.06 13.85 15.61
CA GLY B 467 -28.80 13.16 15.58
C GLY B 467 -28.99 11.67 15.79
N LEU B 468 -29.82 11.29 16.76
CA LEU B 468 -30.25 9.89 16.90
C LEU B 468 -30.75 9.33 15.57
N GLN B 469 -31.64 10.07 14.92
CA GLN B 469 -32.23 9.55 13.70
C GLN B 469 -31.20 9.51 12.62
N THR B 470 -30.35 10.55 12.56
CA THR B 470 -29.24 10.61 11.62
C THR B 470 -28.26 9.41 11.72
N LEU B 471 -27.77 9.08 12.90
CA LEU B 471 -26.89 7.92 12.98
C LEU B 471 -27.59 6.67 12.52
N VAL B 472 -28.76 6.38 13.11
CA VAL B 472 -29.51 5.17 12.78
C VAL B 472 -29.67 5.01 11.28
N ASP B 473 -29.94 6.12 10.65
CA ASP B 473 -30.25 6.11 9.27
C ASP B 473 -29.03 5.85 8.37
N VAL B 474 -27.88 6.49 8.62
CA VAL B 474 -26.72 6.28 7.76
C VAL B 474 -26.17 4.91 8.09
N PHE B 475 -26.10 4.56 9.38
CA PHE B 475 -25.57 3.26 9.74
C PHE B 475 -26.34 2.11 9.13
N THR B 476 -27.67 2.18 9.11
CA THR B 476 -28.48 1.09 8.53
C THR B 476 -28.59 1.26 7.02
N ALA B 477 -28.57 2.49 6.53
CA ALA B 477 -28.41 2.71 5.11
C ALA B 477 -27.22 1.93 4.59
N PHE B 478 -26.17 1.79 5.41
CA PHE B 478 -24.97 1.18 4.91
C PHE B 478 -25.09 -0.35 5.04
N VAL B 479 -25.66 -0.83 6.12
CA VAL B 479 -26.00 -2.25 6.31
C VAL B 479 -26.90 -2.81 5.17
N ILE B 480 -27.92 -2.04 4.86
CA ILE B 480 -28.86 -2.42 3.82
C ILE B 480 -28.20 -2.53 2.46
N ASN B 481 -27.63 -1.44 1.92
CA ASN B 481 -27.04 -1.50 0.57
C ASN B 481 -25.59 -1.03 0.40
N GLY B 482 -24.87 -0.81 1.49
CA GLY B 482 -23.48 -0.39 1.37
C GLY B 482 -23.33 1.02 0.78
N ASP B 483 -24.45 1.77 0.69
CA ASP B 483 -24.39 3.24 0.55
C ASP B 483 -24.98 4.03 1.76
N PRO B 484 -24.13 4.77 2.48
CA PRO B 484 -24.59 5.45 3.70
C PRO B 484 -25.45 6.68 3.46
N ASN B 485 -25.44 7.20 2.23
CA ASN B 485 -26.37 8.25 1.88
C ASN B 485 -27.79 7.84 2.18
N CYS B 486 -28.52 8.77 2.73
CA CYS B 486 -29.78 8.42 3.33
C CYS B 486 -30.66 9.63 3.36
N GLY B 487 -31.78 9.50 4.05
CA GLY B 487 -32.77 10.55 4.08
C GLY B 487 -32.21 11.72 4.83
N MET B 488 -31.81 11.46 6.07
CA MET B 488 -31.24 12.48 6.92
C MET B 488 -30.11 13.26 6.23
N THR B 489 -29.21 12.59 5.51
CA THR B 489 -28.09 13.30 4.88
C THR B 489 -28.56 14.13 3.69
N ALA B 490 -29.47 13.60 2.88
CA ALA B 490 -29.96 14.34 1.72
C ALA B 490 -30.69 15.64 2.08
N LYS B 491 -31.19 15.71 3.30
CA LYS B 491 -31.93 16.90 3.77
C LYS B 491 -31.00 18.04 4.17
N SER B 492 -29.80 17.68 4.61
CA SER B 492 -28.77 18.65 5.02
C SER B 492 -28.01 19.11 3.75
N GLY B 493 -28.33 18.51 2.62
CA GLY B 493 -27.86 18.98 1.34
C GLY B 493 -26.57 18.32 0.89
N VAL B 494 -26.21 17.20 1.50
CA VAL B 494 -24.86 16.68 1.31
C VAL B 494 -24.84 15.25 0.85
N VAL B 495 -23.76 14.91 0.14
CA VAL B 495 -23.53 13.56 -0.39
C VAL B 495 -22.32 12.91 0.30
N PHE B 496 -22.56 11.81 1.00
CA PHE B 496 -21.53 11.06 1.69
C PHE B 496 -20.76 10.32 0.61
N GLU B 497 -19.48 10.65 0.44
CA GLU B 497 -18.64 9.99 -0.58
C GLU B 497 -17.60 9.07 0.08
N PRO B 498 -17.26 7.96 -0.61
CA PRO B 498 -16.19 7.17 -0.03
C PRO B 498 -14.87 7.91 -0.11
N ASN B 499 -13.94 7.62 0.76
CA ASN B 499 -12.75 8.40 0.75
C ASN B 499 -11.82 8.11 -0.42
N ALA B 500 -11.32 9.20 -1.02
CA ALA B 500 -10.37 9.09 -2.15
C ALA B 500 -9.16 10.07 -2.18
N GLN B 501 -8.72 10.57 -1.03
CA GLN B 501 -7.49 11.33 -0.96
C GLN B 501 -6.85 10.93 0.32
N THR B 502 -5.51 11.06 0.42
CA THR B 502 -4.81 11.07 1.73
C THR B 502 -4.17 12.44 2.07
N LYS B 503 -3.98 13.32 1.08
CA LYS B 503 -3.40 14.65 1.32
C LYS B 503 -4.38 15.76 0.91
N PRO B 504 -4.50 16.80 1.72
CA PRO B 504 -3.87 17.05 3.03
C PRO B 504 -4.38 16.14 4.13
N THR B 505 -5.42 15.38 3.82
CA THR B 505 -6.09 14.49 4.74
C THR B 505 -7.23 13.75 4.00
N PHE B 506 -7.89 12.83 4.69
CA PHE B 506 -9.10 12.16 4.20
C PHE B 506 -10.36 13.05 4.34
N LYS B 507 -11.44 12.67 3.68
CA LYS B 507 -12.73 13.33 3.79
C LYS B 507 -13.66 12.43 4.59
N CYS B 508 -14.54 13.02 5.40
CA CYS B 508 -15.40 12.26 6.32
C CYS B 508 -16.77 12.93 6.49
N LEU B 509 -17.80 12.17 6.83
CA LEU B 509 -19.10 12.78 7.10
C LEU B 509 -19.01 13.24 8.53
N ASN B 510 -19.09 14.55 8.73
CA ASN B 510 -19.13 15.09 10.07
C ASN B 510 -20.59 15.26 10.55
N ILE B 511 -20.95 14.56 11.60
CA ILE B 511 -22.35 14.52 12.02
C ILE B 511 -22.40 15.32 13.30
N ALA B 512 -22.95 16.52 13.25
CA ALA B 512 -22.87 17.46 14.36
C ALA B 512 -24.25 17.91 14.83
N ASN B 513 -24.28 18.75 15.86
CA ASN B 513 -25.53 19.10 16.52
C ASN B 513 -26.53 19.71 15.53
N ASP B 514 -26.03 20.57 14.65
CA ASP B 514 -26.91 21.27 13.70
C ASP B 514 -26.93 20.63 12.32
N GLY B 515 -26.63 19.34 12.27
CA GLY B 515 -26.62 18.56 11.04
C GLY B 515 -25.26 18.10 10.50
N VAL B 516 -25.26 17.57 9.27
CA VAL B 516 -24.10 16.89 8.72
C VAL B 516 -23.42 17.73 7.67
N ALA B 517 -22.22 17.28 7.32
CA ALA B 517 -21.38 17.97 6.36
C ALA B 517 -20.32 17.03 5.89
N PHE B 518 -19.91 17.15 4.63
CA PHE B 518 -18.87 16.29 4.12
C PHE B 518 -17.60 17.10 3.95
N VAL B 519 -16.59 16.78 4.74
CA VAL B 519 -15.46 17.71 4.94
C VAL B 519 -14.12 17.00 5.05
N ASP B 520 -13.05 17.68 4.65
CA ASP B 520 -11.70 17.26 5.06
C ASP B 520 -11.69 17.08 6.55
N TYR B 521 -11.14 15.99 7.03
CA TYR B 521 -10.95 15.81 8.47
C TYR B 521 -10.25 17.04 9.09
N PRO B 522 -10.85 17.58 10.16
CA PRO B 522 -10.43 18.91 10.63
C PRO B 522 -9.17 18.93 11.52
N ASP B 523 -8.78 17.81 12.10
CA ASP B 523 -7.60 17.77 12.95
C ASP B 523 -6.47 16.95 12.32
N ALA B 524 -6.25 17.16 11.02
CA ALA B 524 -5.25 16.43 10.26
C ALA B 524 -3.82 16.80 10.68
N ASP B 525 -3.60 18.06 11.11
CA ASP B 525 -2.25 18.47 11.46
C ASP B 525 -1.72 17.70 12.65
N ARG B 526 -2.53 17.58 13.69
CA ARG B 526 -2.12 16.74 14.79
C ARG B 526 -1.68 15.36 14.30
N LEU B 527 -2.56 14.68 13.53
CA LEU B 527 -2.26 13.35 13.02
C LEU B 527 -1.03 13.27 12.10
N ASP B 528 -0.79 14.28 11.27
CA ASP B 528 0.51 14.37 10.60
C ASP B 528 1.70 14.33 11.58
N MET B 529 1.48 14.77 12.82
CA MET B 529 2.56 14.75 13.79
C MET B 529 2.79 13.32 14.32
N TRP B 530 1.74 12.65 14.75
CA TRP B 530 1.91 11.27 15.12
C TRP B 530 2.52 10.41 13.99
N ASP B 531 2.16 10.68 12.73
CA ASP B 531 2.73 9.99 11.56
C ASP B 531 4.23 10.15 11.45
N ALA B 532 4.72 11.31 11.87
CA ALA B 532 6.11 11.62 11.70
C ALA B 532 6.97 11.06 12.84
N MET B 533 6.35 10.66 13.94
CA MET B 533 7.07 9.89 14.93
C MET B 533 7.54 8.54 14.42
N TYR B 534 6.90 8.00 13.39
CA TYR B 534 7.21 6.66 12.86
C TYR B 534 8.36 6.81 11.89
N VAL B 535 9.47 7.21 12.47
CA VAL B 535 10.64 7.56 11.73
C VAL B 535 11.59 6.38 11.53
N ASN B 536 11.46 5.37 12.37
CA ASN B 536 12.07 4.07 12.15
C ASN B 536 11.07 2.91 12.24
N ASP B 537 9.80 3.18 11.92
CA ASP B 537 8.79 2.15 12.08
C ASP B 537 7.81 2.35 10.95
N GLU B 538 7.36 1.26 10.32
CA GLU B 538 6.39 1.43 9.25
C GLU B 538 4.99 1.80 9.80
N LEU B 539 4.30 2.66 9.08
CA LEU B 539 3.01 3.08 9.51
C LEU B 539 1.97 2.04 9.22
N PHE B 540 2.06 1.41 8.04
CA PHE B 540 1.17 0.35 7.66
C PHE B 540 1.82 -0.48 6.58
N1 EPE C . 24.04 3.92 -23.44
C2 EPE C . 24.17 4.94 -22.40
C3 EPE C . 22.80 5.48 -21.98
N4 EPE C . 22.06 6.05 -23.08
C5 EPE C . 22.09 5.21 -24.28
C6 EPE C . 23.47 4.62 -24.60
C7 EPE C . 20.89 6.91 -22.82
C8 EPE C . 21.07 8.05 -21.80
O8 EPE C . 19.98 8.96 -21.84
C9 EPE C . 25.32 3.20 -23.63
C10 EPE C . 26.51 4.05 -24.14
S EPE C . 28.16 3.32 -23.84
O1S EPE C . 28.48 3.56 -22.43
O2S EPE C . 29.25 3.83 -24.73
O3S EPE C . 28.07 1.87 -23.97
H21 EPE C . 24.68 4.50 -21.54
H22 EPE C . 24.78 5.76 -22.77
H31 EPE C . 22.21 4.66 -21.54
H32 EPE C . 22.94 6.24 -21.21
H51 EPE C . 21.75 5.80 -25.12
H52 EPE C . 21.39 4.39 -24.14
H61 EPE C . 23.39 3.93 -25.44
H62 EPE C . 24.15 5.43 -24.90
H71 EPE C . 20.06 6.28 -22.47
H72 EPE C . 20.57 7.36 -23.76
H81 EPE C . 21.16 7.62 -20.80
H82 EPE C . 21.99 8.58 -22.02
HO8 EPE C . 19.33 8.67 -22.51
H91 EPE C . 25.16 2.39 -24.34
H92 EPE C . 25.61 2.75 -22.69
H101 EPE C . 26.47 5.04 -23.67
H102 EPE C . 26.38 4.22 -25.22
C1 MLI D . 17.07 12.26 -17.90
C2 MLI D . 17.39 13.58 -18.54
C3 MLI D . 16.66 11.40 -19.05
O6 MLI D . 18.57 13.92 -18.78
O7 MLI D . 16.44 14.34 -18.88
O8 MLI D . 17.29 11.53 -20.14
O9 MLI D . 15.72 10.56 -18.97
H11 MLI D . 16.34 12.36 -17.25
H12 MLI D . 17.86 11.90 -17.46
N1 EPE E . -20.36 1.00 26.53
C2 EPE E . -19.40 2.03 26.10
C3 EPE E . -17.88 1.73 26.12
N4 EPE E . -17.42 0.73 27.05
C5 EPE E . -18.40 -0.29 27.36
C6 EPE E . -19.79 0.28 27.68
C7 EPE E . -15.99 0.42 27.03
C8 EPE E . -15.06 1.63 27.18
O8 EPE E . -13.72 1.21 27.31
C9 EPE E . -21.69 1.72 26.78
C10 EPE E . -21.92 2.28 28.22
S EPE E . -23.29 3.49 28.56
O1S EPE E . -22.88 4.83 28.14
O2S EPE E . -23.62 3.66 30.01
O3S EPE E . -24.47 3.19 27.75
H21 EPE E . -19.56 2.91 26.73
H22 EPE E . -19.65 2.33 25.09
H31 EPE E . -17.58 1.42 25.12
H32 EPE E . -17.34 2.66 26.34
H51 EPE E . -18.05 -0.86 28.21
H52 EPE E . -18.48 -0.96 26.52
H61 EPE E . -20.46 -0.54 27.95
H62 EPE E . -19.72 0.95 28.53
H71 EPE E . -15.78 -0.28 27.85
H72 EPE E . -15.75 -0.09 26.10
H81 EPE E . -15.16 2.28 26.31
H82 EPE E . -15.34 2.21 28.06
HO8 EPE E . -13.68 0.22 27.28
H91 EPE E . -21.77 2.55 26.08
H92 EPE E . -22.50 1.03 26.54
H101 EPE E . -21.00 2.73 28.55
H102 EPE E . -22.09 1.41 28.88
C1 MLI F . -9.64 3.23 26.31
C2 MLI F . -8.44 2.81 27.08
C3 MLI F . -10.13 1.93 25.76
O6 MLI F . -7.46 2.39 26.45
O7 MLI F . -8.49 2.85 28.34
O8 MLI F . -9.34 1.43 24.92
O9 MLI F . -11.23 1.38 26.14
H11 MLI F . -10.31 3.63 26.90
H12 MLI F . -9.40 3.85 25.59
#